data_3D7J
#
_entry.id   3D7J
#
_cell.length_a   77.400
_cell.length_b   88.000
_cell.length_c   120.900
_cell.angle_alpha   90.00
_cell.angle_beta   90.00
_cell.angle_gamma   90.00
#
_symmetry.space_group_name_H-M   'P 21 21 21'
#
loop_
_entity.id
_entity.type
_entity.pdbx_description
1 polymer 'Uncharacterized protein SCO6650'
2 non-polymer 'SODIUM ION'
3 non-polymer 'CHLORIDE ION'
4 water water
#
_entity_poly.entity_id   1
_entity_poly.type   'polypeptide(L)'
_entity_poly.pdbx_seq_one_letter_code
;MGSSHHHHHHSSGLVPRGSH(MSE)FSITVRDHI(MSE)IAHSFRGDVFGPAQRLHGATFLVDATFRREQLDEDNIVVDI
GLATQELGAVVGALNYRNLDNEPDFAGVNTSTEFLAKVIADRLAERVHKGALGEGARGLAGLTVTLHESHVAWASYERAL
;
_entity_poly.pdbx_strand_id   A,B,C,D,E,F
#
loop_
_chem_comp.id
_chem_comp.type
_chem_comp.name
_chem_comp.formula
CL non-polymer 'CHLORIDE ION' 'Cl -1'
NA non-polymer 'SODIUM ION' 'Na 1'
#
# COMPACT_ATOMS: atom_id res chain seq x y z
N SER A 19 25.34 -18.14 -3.92
CA SER A 19 25.39 -17.57 -2.55
C SER A 19 23.94 -17.37 -2.04
N HIS A 20 23.78 -16.98 -0.78
CA HIS A 20 22.45 -16.74 -0.19
C HIS A 20 22.47 -15.69 0.91
N MSE A 21 21.29 -15.14 1.24
CA MSE A 21 21.24 -14.09 2.24
C MSE A 21 19.83 -14.01 2.81
O MSE A 21 18.85 -14.08 2.05
CB MSE A 21 21.56 -12.73 1.60
CG MSE A 21 21.70 -11.58 2.56
SE MSE A 21 23.31 -11.69 3.65
CE MSE A 21 24.68 -11.46 2.28
N PHE A 22 19.75 -13.88 4.14
CA PHE A 22 18.50 -13.62 4.85
C PHE A 22 18.41 -12.15 5.22
N SER A 23 17.18 -11.63 5.34
CA SER A 23 16.99 -10.28 5.86
C SER A 23 15.68 -10.16 6.58
N ILE A 24 15.63 -9.16 7.45
CA ILE A 24 14.37 -8.70 8.03
C ILE A 24 14.32 -7.19 7.93
N THR A 25 13.11 -6.66 7.79
CA THR A 25 12.89 -5.22 7.71
C THR A 25 11.80 -4.82 8.67
N VAL A 26 12.05 -3.73 9.39
CA VAL A 26 11.07 -3.13 10.28
C VAL A 26 10.84 -1.66 9.89
N ARG A 27 9.60 -1.19 10.09
CA ARG A 27 9.18 0.14 9.67
C ARG A 27 8.79 1.06 10.82
N ASP A 28 9.36 2.26 10.82
CA ASP A 28 8.96 3.33 11.74
C ASP A 28 8.69 4.57 10.86
N HIS A 29 8.54 5.75 11.49
CA HIS A 29 8.42 6.97 10.71
C HIS A 29 8.77 8.19 11.52
N ILE A 30 9.13 9.24 10.79
CA ILE A 30 9.42 10.54 11.42
C ILE A 30 8.73 11.66 10.65
N MSE A 31 8.55 12.78 11.33
CA MSE A 31 7.91 13.96 10.76
C MSE A 31 8.77 15.14 11.12
O MSE A 31 8.92 15.45 12.31
CB MSE A 31 6.51 14.09 11.34
CG MSE A 31 5.60 12.95 10.81
SE MSE A 31 3.85 12.79 11.57
CE MSE A 31 3.47 14.62 11.70
N ILE A 32 9.35 15.77 10.12
CA ILE A 32 10.35 16.80 10.34
C ILE A 32 10.12 18.01 9.46
N ALA A 33 10.79 19.12 9.82
CA ALA A 33 10.86 20.30 8.95
C ALA A 33 12.28 20.51 8.45
N HIS A 34 12.40 21.12 7.28
CA HIS A 34 13.71 21.49 6.72
C HIS A 34 13.54 22.32 5.48
N SER A 35 14.65 22.96 5.08
CA SER A 35 14.73 23.67 3.79
C SER A 35 16.02 23.24 3.10
N PHE A 36 16.10 23.45 1.78
CA PHE A 36 17.32 23.10 1.04
C PHE A 36 18.03 24.33 0.51
N ARG A 37 19.36 24.20 0.37
CA ARG A 37 20.20 25.28 -0.15
C ARG A 37 20.55 24.95 -1.58
N GLY A 38 20.23 25.86 -2.49
CA GLY A 38 20.55 25.70 -3.90
C GLY A 38 19.36 25.91 -4.80
N ASP A 39 19.57 26.71 -5.84
CA ASP A 39 18.52 27.03 -6.81
C ASP A 39 17.89 25.77 -7.42
N VAL A 40 18.67 24.69 -7.53
CA VAL A 40 18.19 23.44 -8.08
C VAL A 40 16.95 22.89 -7.34
N PHE A 41 16.82 23.24 -6.06
CA PHE A 41 15.72 22.73 -5.26
C PHE A 41 14.40 23.47 -5.48
N GLY A 42 14.45 24.59 -6.19
CA GLY A 42 13.20 25.30 -6.52
C GLY A 42 12.44 25.67 -5.26
N PRO A 43 11.13 25.32 -5.19
CA PRO A 43 10.34 25.72 -4.04
C PRO A 43 10.77 25.02 -2.74
N ALA A 44 11.54 23.94 -2.85
CA ALA A 44 12.05 23.27 -1.65
C ALA A 44 13.21 24.02 -0.96
N GLN A 45 13.57 25.18 -1.52
CA GLN A 45 14.42 26.13 -0.81
C GLN A 45 13.69 26.79 0.36
N ARG A 46 12.36 26.80 0.34
CA ARG A 46 11.58 27.33 1.45
C ARG A 46 11.55 26.35 2.60
N LEU A 47 11.38 26.85 3.81
CA LEU A 47 11.20 25.97 4.96
C LEU A 47 9.87 25.19 4.77
N HIS A 48 9.97 23.86 4.72
CA HIS A 48 8.79 23.02 4.58
C HIS A 48 9.06 21.78 5.44
N GLY A 49 8.49 20.64 5.08
CA GLY A 49 8.70 19.46 5.89
C GLY A 49 8.25 18.23 5.16
N ALA A 50 8.32 17.11 5.88
CA ALA A 50 7.97 15.82 5.29
C ALA A 50 7.71 14.79 6.35
N THR A 51 6.91 13.78 5.96
CA THR A 51 6.86 12.53 6.68
C THR A 51 7.77 11.57 5.93
N PHE A 52 8.66 10.92 6.66
CA PHE A 52 9.43 9.85 6.09
C PHE A 52 9.05 8.53 6.76
N LEU A 53 8.59 7.57 5.98
CA LEU A 53 8.54 6.19 6.49
C LEU A 53 9.96 5.69 6.48
N VAL A 54 10.36 5.09 7.58
CA VAL A 54 11.76 4.64 7.75
C VAL A 54 11.80 3.13 7.88
N ASP A 55 12.34 2.47 6.86
CA ASP A 55 12.46 1.00 6.83
C ASP A 55 13.91 0.63 7.06
N ALA A 56 14.16 -0.15 8.08
CA ALA A 56 15.51 -0.65 8.36
C ALA A 56 15.60 -2.14 8.06
N THR A 57 16.47 -2.52 7.11
CA THR A 57 16.68 -3.90 6.71
C THR A 57 18.01 -4.36 7.27
N PHE A 58 18.00 -5.51 7.92
CA PHE A 58 19.20 -6.13 8.46
C PHE A 58 19.40 -7.44 7.72
N ARG A 59 20.62 -7.69 7.25
CA ARG A 59 20.86 -8.90 6.48
C ARG A 59 21.96 -9.76 7.07
N ARG A 60 21.84 -11.07 6.94
N ARG A 60 21.83 -11.07 6.89
CA ARG A 60 22.89 -11.97 7.40
CA ARG A 60 22.70 -12.06 7.50
C ARG A 60 22.81 -13.30 6.69
C ARG A 60 22.83 -13.27 6.57
N GLU A 61 23.98 -13.94 6.59
CA GLU A 61 24.15 -15.11 5.75
C GLU A 61 23.52 -16.36 6.35
N GLN A 62 23.50 -16.45 7.67
CA GLN A 62 22.95 -17.63 8.35
C GLN A 62 22.08 -17.18 9.51
N LEU A 63 20.99 -17.89 9.76
CA LEU A 63 20.17 -17.60 10.93
C LEU A 63 20.91 -17.87 12.21
N ASP A 64 20.60 -17.08 13.25
CA ASP A 64 21.26 -17.19 14.54
C ASP A 64 20.72 -18.38 15.33
N GLU A 65 21.18 -18.55 16.57
CA GLU A 65 20.77 -19.75 17.33
C GLU A 65 19.29 -19.76 17.76
N ASP A 66 18.61 -18.62 17.64
CA ASP A 66 17.15 -18.58 17.83
C ASP A 66 16.39 -18.75 16.50
N ASN A 67 17.13 -18.96 15.42
CA ASN A 67 16.59 -19.14 14.08
C ASN A 67 16.03 -17.85 13.48
N ILE A 68 16.68 -16.73 13.82
CA ILE A 68 16.28 -15.42 13.31
C ILE A 68 17.47 -14.60 12.82
N VAL A 69 17.17 -13.54 12.09
CA VAL A 69 18.23 -12.61 11.64
C VAL A 69 18.60 -11.70 12.80
N VAL A 70 17.59 -11.12 13.42
CA VAL A 70 17.80 -10.27 14.57
C VAL A 70 16.50 -10.24 15.35
N ASP A 71 16.67 -10.07 16.66
CA ASP A 71 15.63 -9.85 17.63
C ASP A 71 14.84 -8.63 17.17
N ILE A 72 13.63 -8.86 16.64
CA ILE A 72 12.75 -7.77 16.17
C ILE A 72 12.41 -6.77 17.26
N GLY A 73 12.29 -7.25 18.50
CA GLY A 73 12.03 -6.37 19.61
C GLY A 73 13.17 -5.40 19.79
N LEU A 74 14.40 -5.90 19.72
CA LEU A 74 15.54 -5.01 19.81
C LEU A 74 15.64 -4.15 18.56
N ALA A 75 15.37 -4.74 17.39
CA ALA A 75 15.44 -4.00 16.12
C ALA A 75 14.49 -2.79 16.11
N THR A 76 13.25 -3.03 16.49
CA THR A 76 12.27 -1.95 16.52
C THR A 76 12.58 -0.94 17.64
N GLN A 77 13.00 -1.43 18.80
CA GLN A 77 13.45 -0.57 19.89
C GLN A 77 14.58 0.34 19.46
N GLU A 78 15.62 -0.24 18.86
CA GLU A 78 16.82 0.49 18.54
C GLU A 78 16.58 1.44 17.38
N LEU A 79 15.78 1.01 16.39
CA LEU A 79 15.36 1.92 15.34
C LEU A 79 14.61 3.10 15.96
N GLY A 80 13.73 2.80 16.91
CA GLY A 80 12.94 3.83 17.61
C GLY A 80 13.87 4.80 18.34
N ALA A 81 14.92 4.27 18.97
CA ALA A 81 15.89 5.11 19.66
C ALA A 81 16.59 6.06 18.70
N VAL A 82 16.93 5.57 17.51
CA VAL A 82 17.62 6.41 16.53
C VAL A 82 16.68 7.49 15.99
N VAL A 83 15.51 7.09 15.52
CA VAL A 83 14.65 8.07 14.85
C VAL A 83 13.98 9.01 15.85
N GLY A 84 13.85 8.56 17.10
CA GLY A 84 13.27 9.39 18.17
C GLY A 84 14.04 10.69 18.40
N ALA A 85 15.33 10.67 18.07
CA ALA A 85 16.18 11.86 18.18
C ALA A 85 16.02 12.85 17.04
N LEU A 86 15.31 12.43 15.98
CA LEU A 86 15.04 13.26 14.81
C LEU A 86 13.60 13.71 14.74
N ASN A 87 12.71 12.92 15.34
CA ASN A 87 11.28 13.12 15.15
C ASN A 87 10.81 14.45 15.73
N TYR A 88 9.83 15.04 15.06
CA TYR A 88 9.21 16.29 15.50
C TYR A 88 10.22 17.41 15.69
N ARG A 89 11.17 17.50 14.78
CA ARG A 89 12.21 18.52 14.82
C ARG A 89 12.32 19.29 13.51
N ASN A 90 12.75 20.54 13.64
CA ASN A 90 13.19 21.31 12.49
C ASN A 90 14.69 21.08 12.33
N LEU A 91 15.03 20.33 11.30
CA LEU A 91 16.42 19.92 11.07
C LEU A 91 17.35 21.06 10.67
N ASP A 92 16.78 22.16 10.21
CA ASP A 92 17.57 23.38 9.92
C ASP A 92 18.16 23.96 11.19
N ASN A 93 17.61 23.59 12.33
CA ASN A 93 18.11 24.08 13.62
C ASN A 93 18.96 23.07 14.38
N GLU A 94 19.21 21.93 13.77
CA GLU A 94 19.95 20.86 14.42
C GLU A 94 21.45 20.98 14.14
N PRO A 95 22.27 21.22 15.18
CA PRO A 95 23.72 21.38 14.98
C PRO A 95 24.40 20.25 14.21
N ASP A 96 23.90 19.01 14.35
CA ASP A 96 24.49 17.86 13.67
C ASP A 96 24.48 18.04 12.15
N PHE A 97 23.54 18.87 11.66
CA PHE A 97 23.32 19.07 10.24
C PHE A 97 23.61 20.49 9.75
N ALA A 98 24.27 21.30 10.59
CA ALA A 98 24.60 22.68 10.19
C ALA A 98 25.32 22.70 8.84
N GLY A 99 24.79 23.51 7.92
CA GLY A 99 25.38 23.72 6.60
C GLY A 99 25.21 22.58 5.60
N VAL A 100 24.42 21.58 5.98
CA VAL A 100 24.24 20.38 5.14
C VAL A 100 22.78 20.25 4.69
N ASN A 101 22.59 19.93 3.41
CA ASN A 101 21.26 19.60 2.91
C ASN A 101 20.75 18.25 3.40
N THR A 102 19.66 18.28 4.15
CA THR A 102 19.13 17.04 4.76
C THR A 102 18.16 16.36 3.79
N SER A 103 18.70 15.95 2.64
CA SER A 103 17.94 15.25 1.61
C SER A 103 17.54 13.87 2.13
N THR A 104 16.55 13.28 1.49
CA THR A 104 16.04 11.98 1.90
C THR A 104 17.18 10.94 1.90
N GLU A 105 18.01 10.96 0.86
CA GLU A 105 19.14 10.02 0.74
C GLU A 105 20.21 10.28 1.79
N PHE A 106 20.46 11.54 2.10
CA PHE A 106 21.38 11.85 3.19
C PHE A 106 20.90 11.32 4.54
N LEU A 107 19.61 11.57 4.86
CA LEU A 107 19.05 11.10 6.12
C LEU A 107 19.01 9.57 6.22
N ALA A 108 18.82 8.88 5.09
CA ALA A 108 18.88 7.41 5.09
C ALA A 108 20.25 6.95 5.60
N LYS A 109 21.32 7.61 5.13
CA LYS A 109 22.65 7.30 5.62
C LYS A 109 22.84 7.63 7.10
N VAL A 110 22.33 8.80 7.51
CA VAL A 110 22.47 9.20 8.92
C VAL A 110 21.87 8.13 9.82
N ILE A 111 20.67 7.69 9.48
CA ILE A 111 19.99 6.69 10.28
C ILE A 111 20.69 5.33 10.19
N ALA A 112 21.16 4.96 8.99
CA ALA A 112 21.92 3.70 8.81
C ALA A 112 23.18 3.68 9.69
N ASP A 113 23.90 4.79 9.69
CA ASP A 113 25.14 4.86 10.46
C ASP A 113 24.90 4.81 11.96
N ARG A 114 23.85 5.48 12.41
CA ARG A 114 23.56 5.47 13.84
C ARG A 114 23.09 4.09 14.29
N LEU A 115 22.33 3.42 13.42
CA LEU A 115 21.95 2.03 13.67
C LEU A 115 23.16 1.10 13.69
N ALA A 116 24.08 1.32 12.74
CA ALA A 116 25.28 0.50 12.66
C ALA A 116 26.08 0.59 13.96
N GLU A 117 26.23 1.82 14.47
CA GLU A 117 26.91 2.00 15.77
C GLU A 117 26.24 1.25 16.92
N ARG A 118 24.91 1.27 16.94
CA ARG A 118 24.19 0.47 17.93
C ARG A 118 24.40 -1.04 17.79
N VAL A 119 24.47 -1.53 16.54
CA VAL A 119 24.79 -2.94 16.33
C VAL A 119 26.18 -3.23 16.90
N HIS A 120 27.15 -2.37 16.59
CA HIS A 120 28.53 -2.61 17.01
C HIS A 120 28.67 -2.61 18.52
N LYS A 121 27.81 -1.83 19.17
CA LYS A 121 27.82 -1.69 20.63
C LYS A 121 27.09 -2.82 21.35
N GLY A 122 26.47 -3.71 20.58
CA GLY A 122 25.76 -4.86 21.15
C GLY A 122 24.29 -4.62 21.45
N ALA A 123 23.76 -3.46 21.04
CA ALA A 123 22.38 -3.11 21.38
C ALA A 123 21.32 -3.97 20.71
N LEU A 124 21.68 -4.66 19.63
CA LEU A 124 20.76 -5.57 18.99
C LEU A 124 21.10 -7.03 19.32
N GLY A 125 21.86 -7.22 20.41
CA GLY A 125 22.26 -8.55 20.85
C GLY A 125 23.60 -9.00 20.28
N GLU A 126 24.27 -9.93 20.97
CA GLU A 126 25.55 -10.49 20.48
C GLU A 126 25.42 -11.14 19.10
N GLY A 127 24.25 -11.71 18.82
CA GLY A 127 23.97 -12.30 17.53
C GLY A 127 24.08 -11.29 16.40
N ALA A 128 23.70 -10.03 16.67
CA ALA A 128 23.62 -9.04 15.60
C ALA A 128 25.02 -8.59 15.13
N ARG A 129 26.05 -8.93 15.91
CA ARG A 129 27.44 -8.68 15.48
C ARG A 129 27.76 -9.44 14.21
N GLY A 130 27.06 -10.54 13.96
CA GLY A 130 27.24 -11.31 12.75
C GLY A 130 26.42 -10.86 11.54
N LEU A 131 25.68 -9.77 11.65
CA LEU A 131 24.98 -9.21 10.49
C LEU A 131 26.00 -8.82 9.43
N ALA A 132 25.64 -9.00 8.16
CA ALA A 132 26.50 -8.66 7.04
C ALA A 132 26.34 -7.23 6.59
N GLY A 133 25.16 -6.66 6.78
CA GLY A 133 24.92 -5.31 6.33
C GLY A 133 23.55 -4.83 6.71
N LEU A 134 23.29 -3.58 6.42
CA LEU A 134 21.96 -3.05 6.62
C LEU A 134 21.61 -2.03 5.54
N THR A 135 20.32 -1.78 5.36
CA THR A 135 19.83 -0.79 4.42
C THR A 135 18.77 0.01 5.13
N VAL A 136 18.82 1.33 4.94
CA VAL A 136 17.74 2.18 5.40
C VAL A 136 17.09 2.81 4.19
N THR A 137 15.76 2.69 4.12
CA THR A 137 14.96 3.26 3.06
C THR A 137 13.99 4.28 3.67
N LEU A 138 13.98 5.50 3.14
CA LEU A 138 13.04 6.53 3.56
C LEU A 138 12.09 6.85 2.43
N HIS A 139 10.80 6.79 2.74
CA HIS A 139 9.76 7.10 1.77
C HIS A 139 9.21 8.45 2.10
N GLU A 140 9.42 9.44 1.23
N GLU A 140 9.43 9.43 1.23
CA GLU A 140 8.99 10.80 1.51
CA GLU A 140 9.00 10.81 1.47
C GLU A 140 7.59 11.12 1.00
C GLU A 140 7.55 11.04 1.07
N SER A 141 7.06 10.25 0.12
CA SER A 141 5.71 10.37 -0.40
C SER A 141 5.34 9.06 -1.06
N HIS A 142 4.18 9.03 -1.71
CA HIS A 142 3.78 7.82 -2.42
C HIS A 142 4.52 7.65 -3.75
N VAL A 143 5.28 8.67 -4.14
CA VAL A 143 5.96 8.65 -5.44
C VAL A 143 7.46 8.89 -5.39
N ALA A 144 8.04 9.03 -4.20
CA ALA A 144 9.49 9.17 -4.07
C ALA A 144 10.02 8.53 -2.79
N TRP A 145 11.10 7.77 -2.94
CA TRP A 145 11.79 7.15 -1.81
C TRP A 145 13.27 7.02 -2.07
N ALA A 146 14.06 6.95 -1.02
CA ALA A 146 15.50 6.90 -1.17
C ALA A 146 16.07 5.84 -0.26
N SER A 147 17.26 5.34 -0.56
CA SER A 147 17.85 4.33 0.28
C SER A 147 19.34 4.50 0.41
N TYR A 148 19.86 3.94 1.49
CA TYR A 148 21.30 3.81 1.67
C TYR A 148 21.59 2.42 2.19
N GLU A 149 22.49 1.72 1.50
CA GLU A 149 22.88 0.40 1.88
C GLU A 149 24.32 0.42 2.30
N ARG A 150 24.68 -0.32 3.34
CA ARG A 150 26.08 -0.44 3.73
C ARG A 150 26.39 -1.78 4.36
N ALA A 151 27.67 -2.13 4.34
CA ALA A 151 28.13 -3.32 5.03
C ALA A 151 28.30 -3.07 6.52
N LEU A 152 28.39 -4.17 7.27
CA LEU A 152 28.65 -4.11 8.71
C LEU A 152 29.86 -4.96 9.08
N SER B 19 26.89 -5.11 -16.02
CA SER B 19 26.04 -6.34 -16.11
C SER B 19 24.56 -5.97 -16.05
N HIS B 20 23.67 -6.97 -16.09
CA HIS B 20 22.21 -6.70 -16.04
C HIS B 20 21.38 -7.89 -15.55
N MSE B 21 20.12 -7.64 -15.17
CA MSE B 21 19.29 -8.69 -14.60
C MSE B 21 17.81 -8.36 -14.76
O MSE B 21 17.41 -7.25 -14.44
CB MSE B 21 19.63 -8.88 -13.11
CG MSE B 21 18.97 -10.11 -12.49
SE MSE B 21 19.73 -11.78 -13.14
CE MSE B 21 21.54 -11.71 -12.35
N PHE B 22 17.04 -9.32 -15.25
CA PHE B 22 15.57 -9.23 -15.27
C PHE B 22 14.98 -9.98 -14.10
N SER B 23 13.81 -9.55 -13.64
CA SER B 23 13.07 -10.33 -12.66
C SER B 23 11.57 -10.20 -12.84
N ILE B 24 10.85 -11.18 -12.32
CA ILE B 24 9.42 -11.00 -12.12
C ILE B 24 9.08 -11.47 -10.73
N THR B 25 8.04 -10.90 -10.13
CA THR B 25 7.60 -11.27 -8.80
C THR B 25 6.11 -11.51 -8.83
N VAL B 26 5.68 -12.60 -8.18
CA VAL B 26 4.26 -12.90 -7.97
C VAL B 26 3.95 -13.01 -6.47
N ARG B 27 2.74 -12.61 -6.11
CA ARG B 27 2.30 -12.57 -4.71
C ARG B 27 1.16 -13.58 -4.44
N ASP B 28 1.35 -14.36 -3.36
CA ASP B 28 0.32 -15.21 -2.78
C ASP B 28 0.25 -14.86 -1.29
N HIS B 29 -0.52 -15.62 -0.52
CA HIS B 29 -0.56 -15.43 0.92
C HIS B 29 -1.01 -16.69 1.63
N ILE B 30 -0.58 -16.81 2.88
CA ILE B 30 -1.04 -17.89 3.75
C ILE B 30 -1.39 -17.33 5.12
N MSE B 31 -2.15 -18.13 5.86
CA MSE B 31 -2.63 -17.78 7.17
C MSE B 31 -2.35 -18.94 8.09
O MSE B 31 -2.86 -20.05 7.87
CB MSE B 31 -4.12 -17.37 7.11
CG MSE B 31 -4.32 -16.00 6.39
SE MSE B 31 -6.12 -15.72 5.76
CE MSE B 31 -6.84 -16.29 7.30
N ILE B 32 -1.51 -18.71 9.08
CA ILE B 32 -0.95 -19.79 9.90
C ILE B 32 -0.95 -19.46 11.38
N ALA B 33 -0.81 -20.50 12.20
CA ALA B 33 -0.53 -20.32 13.62
C ALA B 33 0.87 -20.83 13.91
N HIS B 34 1.49 -20.26 14.95
CA HIS B 34 2.77 -20.74 15.48
C HIS B 34 3.09 -20.05 16.79
N SER B 35 4.05 -20.61 17.55
CA SER B 35 4.65 -19.96 18.71
C SER B 35 6.16 -20.09 18.63
N PHE B 36 6.89 -19.31 19.41
CA PHE B 36 8.36 -19.37 19.38
C PHE B 36 8.96 -19.79 20.72
N ARG B 37 10.11 -20.45 20.65
CA ARG B 37 10.84 -20.87 21.84
C ARG B 37 12.05 -19.96 22.02
N GLY B 38 12.17 -19.36 23.21
CA GLY B 38 13.24 -18.43 23.51
C GLY B 38 12.76 -17.15 24.18
N ASP B 39 13.49 -16.70 25.20
CA ASP B 39 13.15 -15.49 25.96
C ASP B 39 13.15 -14.24 25.09
N VAL B 40 14.02 -14.22 24.11
CA VAL B 40 14.14 -13.15 23.13
C VAL B 40 12.76 -12.74 22.53
N PHE B 41 11.86 -13.71 22.42
CA PHE B 41 10.58 -13.52 21.72
C PHE B 41 9.46 -12.84 22.50
N GLY B 42 9.60 -12.77 23.83
CA GLY B 42 8.61 -12.12 24.67
C GLY B 42 7.22 -12.70 24.50
N PRO B 43 6.24 -11.85 24.11
CA PRO B 43 4.88 -12.36 24.01
C PRO B 43 4.68 -13.34 22.84
N ALA B 44 5.63 -13.35 21.89
CA ALA B 44 5.55 -14.27 20.73
C ALA B 44 5.88 -15.72 21.11
N GLN B 45 6.25 -15.92 22.37
CA GLN B 45 6.38 -17.26 22.92
C GLN B 45 5.02 -17.94 23.02
N ARG B 46 3.97 -17.13 23.12
CA ARG B 46 2.60 -17.64 23.11
C ARG B 46 2.18 -18.08 21.71
N LEU B 47 1.30 -19.07 21.65
CA LEU B 47 0.67 -19.48 20.40
C LEU B 47 -0.12 -18.31 19.83
N HIS B 48 0.27 -17.91 18.62
CA HIS B 48 -0.40 -16.84 17.91
C HIS B 48 -0.43 -17.21 16.44
N GLY B 49 -0.50 -16.23 15.56
CA GLY B 49 -0.54 -16.50 14.14
C GLY B 49 -0.04 -15.36 13.27
N ALA B 50 -0.19 -15.54 11.98
CA ALA B 50 0.25 -14.51 11.03
C ALA B 50 -0.44 -14.72 9.73
N THR B 51 -0.71 -13.62 9.04
CA THR B 51 -0.94 -13.67 7.62
C THR B 51 0.36 -13.26 6.99
N PHE B 52 0.94 -14.15 6.20
CA PHE B 52 2.14 -13.83 5.43
C PHE B 52 1.78 -13.56 3.99
N LEU B 53 2.04 -12.34 3.51
CA LEU B 53 2.06 -12.13 2.05
C LEU B 53 3.36 -12.75 1.57
N VAL B 54 3.27 -13.58 0.54
CA VAL B 54 4.42 -14.32 0.04
C VAL B 54 4.73 -13.89 -1.38
N ASP B 55 5.88 -13.24 -1.54
CA ASP B 55 6.27 -12.74 -2.85
C ASP B 55 7.43 -13.58 -3.34
N ALA B 56 7.26 -14.22 -4.48
CA ALA B 56 8.35 -14.99 -5.07
C ALA B 56 8.90 -14.25 -6.28
N THR B 57 10.19 -13.93 -6.24
CA THR B 57 10.90 -13.23 -7.30
C THR B 57 11.81 -14.21 -8.02
N PHE B 58 11.68 -14.24 -9.34
CA PHE B 58 12.53 -15.11 -10.20
C PHE B 58 13.39 -14.19 -11.03
N ARG B 59 14.70 -14.47 -11.12
CA ARG B 59 15.57 -13.58 -11.87
C ARG B 59 16.36 -14.34 -12.93
N ARG B 60 16.61 -13.68 -14.04
CA ARG B 60 17.50 -14.24 -15.08
C ARG B 60 18.18 -13.15 -15.86
N GLU B 61 19.31 -13.48 -16.48
CA GLU B 61 20.10 -12.49 -17.22
C GLU B 61 19.55 -12.16 -18.61
N GLN B 62 18.91 -13.13 -19.26
CA GLN B 62 18.35 -12.94 -20.61
C GLN B 62 16.94 -13.49 -20.65
N LEU B 63 16.03 -12.76 -21.30
CA LEU B 63 14.65 -13.24 -21.48
C LEU B 63 14.60 -14.54 -22.31
N ASP B 64 13.60 -15.36 -22.04
CA ASP B 64 13.46 -16.66 -22.71
C ASP B 64 12.86 -16.48 -24.10
N GLU B 65 12.56 -17.60 -24.76
CA GLU B 65 12.07 -17.54 -26.14
C GLU B 65 10.69 -16.90 -26.31
N ASP B 66 9.93 -16.80 -25.22
CA ASP B 66 8.64 -16.10 -25.22
C ASP B 66 8.77 -14.62 -24.81
N ASN B 67 10.00 -14.19 -24.57
CA ASN B 67 10.33 -12.83 -24.11
C ASN B 67 9.92 -12.54 -22.66
N ILE B 68 10.02 -13.58 -21.83
CA ILE B 68 9.67 -13.50 -20.42
C ILE B 68 10.73 -14.13 -19.51
N VAL B 69 10.62 -13.84 -18.22
CA VAL B 69 11.50 -14.45 -17.23
C VAL B 69 11.02 -15.86 -16.94
N VAL B 70 9.74 -16.02 -16.69
CA VAL B 70 9.17 -17.34 -16.43
C VAL B 70 7.70 -17.35 -16.82
N ASP B 71 7.22 -18.53 -17.22
CA ASP B 71 5.79 -18.80 -17.40
C ASP B 71 5.08 -18.39 -16.11
N ILE B 72 4.41 -17.24 -16.16
CA ILE B 72 3.74 -16.67 -14.97
C ILE B 72 2.61 -17.53 -14.41
N GLY B 73 1.92 -18.25 -15.29
CA GLY B 73 0.90 -19.20 -14.89
C GLY B 73 1.48 -20.38 -14.12
N LEU B 74 2.62 -20.90 -14.58
CA LEU B 74 3.27 -21.98 -13.84
C LEU B 74 3.88 -21.45 -12.54
N ALA B 75 4.39 -20.22 -12.58
CA ALA B 75 4.97 -19.58 -11.39
C ALA B 75 3.93 -19.42 -10.27
N THR B 76 2.76 -18.88 -10.59
CA THR B 76 1.67 -18.76 -9.62
C THR B 76 1.14 -20.14 -9.20
N GLN B 77 1.00 -21.05 -10.16
CA GLN B 77 0.58 -22.42 -9.85
C GLN B 77 1.53 -23.09 -8.85
N GLU B 78 2.82 -23.01 -9.15
CA GLU B 78 3.81 -23.72 -8.35
C GLU B 78 3.99 -23.06 -6.99
N LEU B 79 3.98 -21.72 -6.96
CA LEU B 79 3.98 -21.02 -5.67
C LEU B 79 2.75 -21.39 -4.83
N GLY B 80 1.60 -21.43 -5.51
CA GLY B 80 0.35 -21.81 -4.86
C GLY B 80 0.44 -23.20 -4.28
N ALA B 81 1.04 -24.13 -5.02
CA ALA B 81 1.25 -25.49 -4.52
C ALA B 81 2.18 -25.51 -3.32
N VAL B 82 3.27 -24.74 -3.38
CA VAL B 82 4.21 -24.73 -2.26
C VAL B 82 3.56 -24.19 -0.99
N VAL B 83 2.96 -23.00 -1.07
CA VAL B 83 2.39 -22.39 0.13
C VAL B 83 1.07 -23.08 0.57
N GLY B 84 0.40 -23.73 -0.39
CA GLY B 84 -0.82 -24.51 -0.10
C GLY B 84 -0.62 -25.61 0.93
N ALA B 85 0.60 -26.14 1.00
CA ALA B 85 0.95 -27.12 2.01
C ALA B 85 1.07 -26.54 3.43
N LEU B 86 1.16 -25.20 3.51
CA LEU B 86 1.34 -24.52 4.78
C LEU B 86 0.07 -23.82 5.24
N ASN B 87 -0.79 -23.50 4.29
CA ASN B 87 -1.92 -22.63 4.54
C ASN B 87 -2.94 -23.22 5.51
N TYR B 88 -3.51 -22.38 6.36
CA TYR B 88 -4.54 -22.79 7.33
C TYR B 88 -4.06 -23.87 8.30
N ARG B 89 -2.78 -23.80 8.64
CA ARG B 89 -2.19 -24.78 9.58
C ARG B 89 -1.50 -24.15 10.77
N ASN B 90 -1.37 -24.91 11.84
CA ASN B 90 -0.57 -24.54 12.99
C ASN B 90 0.79 -25.18 12.78
N LEU B 91 1.78 -24.36 12.48
CA LEU B 91 3.08 -24.87 12.09
C LEU B 91 3.82 -25.53 13.26
N ASP B 92 3.39 -25.23 14.49
CA ASP B 92 3.98 -25.87 15.70
C ASP B 92 3.73 -27.35 15.68
N ASN B 93 2.65 -27.75 15.03
CA ASN B 93 2.23 -29.15 15.00
C ASN B 93 2.57 -29.84 13.69
N GLU B 94 3.29 -29.12 12.82
CA GLU B 94 3.75 -29.67 11.54
C GLU B 94 5.06 -30.45 11.67
N PRO B 95 5.04 -31.74 11.30
CA PRO B 95 6.22 -32.61 11.43
C PRO B 95 7.49 -32.04 10.80
N ASP B 96 7.35 -31.33 9.68
CA ASP B 96 8.51 -30.77 8.98
C ASP B 96 9.29 -29.77 9.85
N PHE B 97 8.62 -29.16 10.83
CA PHE B 97 9.19 -28.06 11.59
C PHE B 97 9.30 -28.37 13.08
N ALA B 98 9.21 -29.67 13.42
CA ALA B 98 9.26 -30.09 14.81
C ALA B 98 10.51 -29.56 15.50
N GLY B 99 10.28 -28.82 16.58
CA GLY B 99 11.35 -28.28 17.41
C GLY B 99 12.06 -27.04 16.88
N VAL B 100 11.58 -26.52 15.75
CA VAL B 100 12.24 -25.41 15.05
C VAL B 100 11.38 -24.16 15.13
N ASN B 101 11.99 -23.01 15.36
CA ASN B 101 11.26 -21.74 15.35
C ASN B 101 10.93 -21.35 13.92
N THR B 102 9.65 -21.25 13.62
CA THR B 102 9.24 -20.94 12.25
C THR B 102 9.12 -19.45 12.03
N SER B 103 10.27 -18.78 12.14
CA SER B 103 10.34 -17.32 11.95
C SER B 103 10.02 -16.99 10.51
N THR B 104 9.67 -15.72 10.30
CA THR B 104 9.38 -15.26 8.95
C THR B 104 10.55 -15.56 8.00
N GLU B 105 11.76 -15.25 8.45
CA GLU B 105 12.94 -15.47 7.63
C GLU B 105 13.23 -16.97 7.37
N PHE B 106 12.98 -17.81 8.37
CA PHE B 106 13.15 -19.25 8.18
C PHE B 106 12.19 -19.78 7.13
N LEU B 107 10.91 -19.37 7.24
CA LEU B 107 9.90 -19.80 6.30
C LEU B 107 10.18 -19.30 4.88
N ALA B 108 10.75 -18.11 4.76
CA ALA B 108 11.11 -17.61 3.44
C ALA B 108 12.09 -18.56 2.74
N LYS B 109 13.07 -19.09 3.48
CA LYS B 109 13.99 -20.09 2.94
C LYS B 109 13.30 -21.41 2.60
N VAL B 110 12.43 -21.86 3.50
CA VAL B 110 11.67 -23.09 3.25
C VAL B 110 10.93 -23.00 1.90
N ILE B 111 10.23 -21.89 1.71
CA ILE B 111 9.48 -21.67 0.48
C ILE B 111 10.40 -21.53 -0.74
N ALA B 112 11.48 -20.77 -0.59
CA ALA B 112 12.46 -20.62 -1.68
C ALA B 112 13.05 -21.96 -2.11
N ASP B 113 13.41 -22.81 -1.14
CA ASP B 113 14.04 -24.09 -1.46
C ASP B 113 13.04 -25.02 -2.11
N ARG B 114 11.79 -24.96 -1.66
CA ARG B 114 10.77 -25.80 -2.26
C ARG B 114 10.46 -25.39 -3.69
N LEU B 115 10.44 -24.08 -3.92
CA LEU B 115 10.31 -23.54 -5.28
C LEU B 115 11.46 -23.95 -6.19
N ALA B 116 12.68 -23.88 -5.65
CA ALA B 116 13.89 -24.27 -6.40
C ALA B 116 13.82 -25.75 -6.81
N GLU B 117 13.36 -26.59 -5.89
CA GLU B 117 13.19 -28.03 -6.15
C GLU B 117 12.28 -28.24 -7.36
N ARG B 118 11.19 -27.47 -7.41
CA ARG B 118 10.24 -27.53 -8.51
C ARG B 118 10.80 -26.98 -9.82
N VAL B 119 11.56 -25.89 -9.76
CA VAL B 119 12.30 -25.39 -10.93
C VAL B 119 13.22 -26.48 -11.49
N HIS B 120 13.95 -27.18 -10.62
CA HIS B 120 14.91 -28.20 -11.05
C HIS B 120 14.28 -29.50 -11.52
N LYS B 121 13.01 -29.72 -11.17
CA LYS B 121 12.24 -30.86 -11.68
C LYS B 121 11.46 -30.51 -12.95
N GLY B 122 11.63 -29.27 -13.43
CA GLY B 122 10.99 -28.81 -14.66
C GLY B 122 9.56 -28.31 -14.54
N ALA B 123 9.09 -28.13 -13.30
CA ALA B 123 7.69 -27.78 -13.05
C ALA B 123 7.33 -26.35 -13.48
N LEU B 124 8.34 -25.50 -13.68
CA LEU B 124 8.12 -24.13 -14.13
C LEU B 124 8.52 -23.94 -15.59
N GLY B 125 8.60 -25.06 -16.30
CA GLY B 125 8.96 -25.08 -17.70
C GLY B 125 10.44 -25.32 -17.88
N GLU B 126 10.83 -25.81 -19.06
CA GLU B 126 12.25 -26.05 -19.33
C GLU B 126 13.07 -24.76 -19.32
N GLY B 127 12.46 -23.67 -19.79
CA GLY B 127 13.10 -22.36 -19.81
C GLY B 127 13.50 -21.85 -18.44
N ALA B 128 12.77 -22.28 -17.40
CA ALA B 128 13.06 -21.88 -16.03
C ALA B 128 14.40 -22.45 -15.50
N ARG B 129 14.94 -23.49 -16.16
CA ARG B 129 16.27 -23.99 -15.78
C ARG B 129 17.36 -22.96 -16.05
N GLY B 130 17.07 -21.99 -16.91
CA GLY B 130 17.96 -20.88 -17.18
C GLY B 130 17.94 -19.75 -16.16
N LEU B 131 17.03 -19.81 -15.18
CA LEU B 131 16.99 -18.78 -14.12
C LEU B 131 18.28 -18.71 -13.32
N ALA B 132 18.67 -17.49 -12.94
CA ALA B 132 19.87 -17.26 -12.14
C ALA B 132 19.61 -17.46 -10.64
N GLY B 133 18.41 -17.15 -10.19
CA GLY B 133 18.13 -17.23 -8.77
C GLY B 133 16.71 -16.85 -8.45
N LEU B 134 16.41 -16.86 -7.16
CA LEU B 134 15.12 -16.43 -6.69
C LEU B 134 15.22 -15.82 -5.31
N THR B 135 14.20 -15.01 -5.00
CA THR B 135 14.06 -14.40 -3.68
C THR B 135 12.63 -14.64 -3.24
N VAL B 136 12.49 -15.00 -1.97
CA VAL B 136 11.15 -15.10 -1.38
C VAL B 136 11.07 -14.09 -0.26
N THR B 137 10.03 -13.26 -0.30
CA THR B 137 9.78 -12.25 0.74
C THR B 137 8.43 -12.55 1.41
N LEU B 138 8.46 -12.63 2.74
CA LEU B 138 7.23 -12.81 3.53
C LEU B 138 6.97 -11.56 4.34
N HIS B 139 5.75 -11.03 4.18
CA HIS B 139 5.32 -9.87 4.95
C HIS B 139 4.40 -10.31 6.06
N GLU B 140 4.84 -10.12 7.30
CA GLU B 140 4.08 -10.51 8.49
CA GLU B 140 4.03 -10.54 8.44
C GLU B 140 3.03 -9.48 8.86
N SER B 141 3.28 -8.22 8.49
CA SER B 141 2.41 -7.12 8.84
C SER B 141 2.79 -5.94 7.98
N HIS B 142 2.19 -4.79 8.29
CA HIS B 142 2.51 -3.56 7.57
C HIS B 142 3.86 -2.99 8.02
N VAL B 143 4.44 -3.56 9.09
CA VAL B 143 5.67 -3.01 9.68
C VAL B 143 6.81 -4.01 9.86
N ALA B 144 6.63 -5.22 9.38
CA ALA B 144 7.70 -6.22 9.43
C ALA B 144 7.61 -7.21 8.27
N TRP B 145 8.76 -7.47 7.66
CA TRP B 145 8.84 -8.44 6.59
C TRP B 145 10.23 -9.04 6.58
N ALA B 146 10.38 -10.14 5.86
CA ALA B 146 11.66 -10.88 5.83
C ALA B 146 11.86 -11.43 4.45
N SER B 147 13.11 -11.70 4.11
CA SER B 147 13.38 -12.30 2.80
C SER B 147 14.53 -13.29 2.85
N TYR B 148 14.56 -14.15 1.85
CA TYR B 148 15.69 -15.05 1.61
C TYR B 148 15.97 -15.04 0.14
N GLU B 149 17.25 -14.82 -0.19
N GLU B 149 17.24 -14.84 -0.21
CA GLU B 149 17.72 -14.84 -1.57
CA GLU B 149 17.68 -14.83 -1.60
C GLU B 149 18.62 -16.05 -1.76
C GLU B 149 18.70 -15.92 -1.82
N ARG B 150 18.53 -16.67 -2.92
CA ARG B 150 19.45 -17.77 -3.26
C ARG B 150 19.63 -17.87 -4.76
N ALA B 151 20.74 -18.50 -5.14
CA ALA B 151 20.98 -18.83 -6.54
C ALA B 151 20.21 -20.07 -6.95
N LEU B 152 19.93 -20.25 -8.24
N LEU B 152 20.01 -20.18 -8.27
CA LEU B 152 19.17 -21.44 -8.65
CA LEU B 152 19.52 -21.37 -8.95
C LEU B 152 20.03 -22.60 -9.10
C LEU B 152 20.69 -22.01 -9.70
N GLY C 18 -29.43 3.38 11.43
CA GLY C 18 -28.45 4.41 11.91
C GLY C 18 -27.66 4.01 13.14
N SER C 19 -27.86 2.78 13.59
CA SER C 19 -27.20 2.27 14.78
C SER C 19 -25.82 1.69 14.42
N HIS C 20 -25.79 0.71 13.51
CA HIS C 20 -24.53 0.04 13.14
C HIS C 20 -24.59 -0.69 11.81
N MSE C 21 -23.43 -1.09 11.31
CA MSE C 21 -23.35 -1.78 10.03
C MSE C 21 -22.07 -2.59 9.98
O MSE C 21 -21.01 -2.07 10.33
CB MSE C 21 -23.34 -0.77 8.86
CG MSE C 21 -23.45 -1.42 7.46
SE MSE C 21 -25.17 -2.28 7.15
CE MSE C 21 -26.36 -0.73 7.20
N PHE C 22 -22.16 -3.85 9.55
CA PHE C 22 -21.01 -4.72 9.27
C PHE C 22 -20.74 -4.71 7.80
N SER C 23 -19.46 -4.91 7.43
CA SER C 23 -19.15 -5.12 6.01
CA SER C 23 -19.08 -5.02 6.03
C SER C 23 -17.93 -6.02 5.89
N ILE C 24 -17.86 -6.66 4.73
CA ILE C 24 -16.64 -7.37 4.30
C ILE C 24 -16.36 -6.99 2.86
N THR C 25 -15.08 -6.94 2.52
CA THR C 25 -14.61 -6.58 1.19
C THR C 25 -13.61 -7.62 0.73
N VAL C 26 -13.76 -8.02 -0.53
CA VAL C 26 -12.82 -8.91 -1.20
C VAL C 26 -12.31 -8.27 -2.49
N ARG C 27 -11.03 -8.54 -2.80
CA ARG C 27 -10.37 -7.93 -3.95
C ARG C 27 -10.00 -8.94 -5.04
N ASP C 28 -10.34 -8.57 -6.27
CA ASP C 28 -9.93 -9.28 -7.48
C ASP C 28 -9.36 -8.22 -8.44
N HIS C 29 -9.07 -8.60 -9.68
CA HIS C 29 -8.62 -7.59 -10.64
C HIS C 29 -8.86 -8.07 -12.04
N ILE C 30 -8.90 -7.11 -12.95
CA ILE C 30 -9.01 -7.39 -14.38
C ILE C 30 -8.04 -6.52 -15.17
N MSE C 31 -7.78 -6.95 -16.39
CA MSE C 31 -6.85 -6.27 -17.27
C MSE C 31 -7.52 -6.19 -18.63
O MSE C 31 -7.82 -7.21 -19.26
CB MSE C 31 -5.50 -6.98 -17.29
CG MSE C 31 -4.70 -6.78 -15.97
SE MSE C 31 -3.22 -7.99 -15.69
CE MSE C 31 -2.64 -8.12 -17.48
N ILE C 32 -7.83 -4.97 -19.03
CA ILE C 32 -8.69 -4.76 -20.19
C ILE C 32 -8.16 -3.67 -21.11
N ALA C 33 -8.70 -3.66 -22.33
CA ALA C 33 -8.46 -2.57 -23.26
C ALA C 33 -9.77 -1.82 -23.53
N HIS C 34 -9.65 -0.53 -23.79
CA HIS C 34 -10.81 0.28 -24.17
C HIS C 34 -10.34 1.64 -24.66
N SER C 35 -11.27 2.37 -25.26
CA SER C 35 -11.05 3.74 -25.70
C SER C 35 -12.28 4.57 -25.32
N PHE C 36 -12.09 5.87 -25.18
CA PHE C 36 -13.22 6.74 -24.84
C PHE C 36 -13.58 7.65 -26.00
N ARG C 37 -14.87 7.98 -26.06
CA ARG C 37 -15.42 8.79 -27.13
C ARG C 37 -15.78 10.16 -26.54
N GLY C 38 -15.15 11.20 -27.07
CA GLY C 38 -15.36 12.57 -26.63
C GLY C 38 -14.03 13.28 -26.47
N ASP C 39 -13.96 14.53 -26.94
CA ASP C 39 -12.73 15.32 -26.88
C ASP C 39 -12.24 15.55 -25.45
N VAL C 40 -13.17 15.54 -24.51
CA VAL C 40 -12.86 15.69 -23.08
C VAL C 40 -11.79 14.71 -22.58
N PHE C 41 -11.72 13.54 -23.23
CA PHE C 41 -10.82 12.47 -22.81
C PHE C 41 -9.39 12.57 -23.31
N GLY C 42 -9.12 13.52 -24.22
CA GLY C 42 -7.76 13.74 -24.73
C GLY C 42 -7.13 12.48 -25.31
N PRO C 43 -5.94 12.08 -24.78
CA PRO C 43 -5.22 10.91 -25.30
C PRO C 43 -5.96 9.60 -25.01
N ALA C 44 -6.90 9.62 -24.07
CA ALA C 44 -7.65 8.41 -23.72
C ALA C 44 -8.75 8.10 -24.74
N GLN C 45 -8.88 8.97 -25.74
CA GLN C 45 -9.66 8.65 -26.93
C GLN C 45 -9.03 7.54 -27.78
N ARG C 46 -7.72 7.34 -27.60
CA ARG C 46 -7.00 6.28 -28.29
C ARG C 46 -7.28 4.96 -27.58
N LEU C 47 -7.20 3.85 -28.31
CA LEU C 47 -7.29 2.53 -27.70
C LEU C 47 -6.11 2.38 -26.73
N HIS C 48 -6.42 2.16 -25.47
CA HIS C 48 -5.41 1.90 -24.47
C HIS C 48 -5.95 0.81 -23.55
N GLY C 49 -5.47 0.76 -22.31
CA GLY C 49 -5.92 -0.28 -21.40
C GLY C 49 -5.77 0.14 -19.95
N ALA C 50 -6.12 -0.78 -19.07
CA ALA C 50 -6.02 -0.52 -17.64
C ALA C 50 -6.04 -1.82 -16.88
N THR C 51 -5.37 -1.82 -15.74
CA THR C 51 -5.59 -2.81 -14.72
C THR C 51 -6.53 -2.18 -13.73
N PHE C 52 -7.64 -2.84 -13.48
CA PHE C 52 -8.56 -2.38 -12.44
C PHE C 52 -8.49 -3.35 -11.29
N LEU C 53 -8.09 -2.88 -10.11
CA LEU C 53 -8.30 -3.67 -8.90
C LEU C 53 -9.78 -3.53 -8.58
N VAL C 54 -10.45 -4.65 -8.32
CA VAL C 54 -11.91 -4.65 -8.16
C VAL C 54 -12.20 -5.07 -6.72
N ASP C 55 -12.74 -4.15 -5.91
CA ASP C 55 -13.06 -4.45 -4.52
C ASP C 55 -14.57 -4.52 -4.36
N ALA C 56 -15.07 -5.65 -3.88
CA ALA C 56 -16.51 -5.78 -3.65
C ALA C 56 -16.79 -5.81 -2.16
N THR C 57 -17.59 -4.84 -1.69
CA THR C 57 -17.95 -4.69 -0.30
C THR C 57 -19.42 -5.10 -0.13
N PHE C 58 -19.66 -6.01 0.81
CA PHE C 58 -21.01 -6.49 1.14
C PHE C 58 -21.31 -6.02 2.54
N ARG C 59 -22.46 -5.39 2.74
CA ARG C 59 -22.81 -4.85 4.06
C ARG C 59 -24.11 -5.41 4.61
N ARG C 60 -24.16 -5.57 5.92
CA ARG C 60 -25.42 -5.96 6.57
C ARG C 60 -25.46 -5.52 8.03
N GLU C 61 -26.67 -5.41 8.56
CA GLU C 61 -26.84 -4.93 9.92
C GLU C 61 -26.54 -5.94 11.02
N GLN C 62 -26.75 -7.22 10.73
CA GLN C 62 -26.56 -8.28 11.72
C GLN C 62 -25.79 -9.41 11.07
N LEU C 63 -24.89 -10.03 11.82
CA LEU C 63 -24.14 -11.17 11.33
C LEU C 63 -25.09 -12.34 11.16
N ASP C 64 -24.77 -13.23 10.23
CA ASP C 64 -25.60 -14.42 9.97
C ASP C 64 -25.36 -15.50 11.04
N GLU C 65 -25.96 -16.68 10.86
CA GLU C 65 -25.89 -17.74 11.86
C GLU C 65 -24.49 -18.35 12.03
N ASP C 66 -23.61 -18.11 11.05
CA ASP C 66 -22.22 -18.54 11.12
C ASP C 66 -21.31 -17.45 11.70
N ASN C 67 -21.91 -16.30 12.00
CA ASN C 67 -21.23 -15.14 12.57
C ASN C 67 -20.40 -14.36 11.55
N ILE C 68 -20.91 -14.35 10.33
CA ILE C 68 -20.25 -13.67 9.21
C ILE C 68 -21.23 -12.79 8.40
N VAL C 69 -20.67 -11.93 7.56
CA VAL C 69 -21.47 -11.11 6.67
C VAL C 69 -21.94 -11.94 5.48
N VAL C 70 -21.03 -12.69 4.89
CA VAL C 70 -21.32 -13.53 3.75
C VAL C 70 -20.28 -14.62 3.68
N ASP C 71 -20.70 -15.77 3.15
CA ASP C 71 -19.79 -16.87 2.84
C ASP C 71 -18.70 -16.31 1.92
N ILE C 72 -17.49 -16.20 2.46
CA ILE C 72 -16.37 -15.59 1.73
C ILE C 72 -15.93 -16.38 0.51
N GLY C 73 -16.06 -17.71 0.57
CA GLY C 73 -15.76 -18.57 -0.57
C GLY C 73 -16.72 -18.33 -1.73
N LEU C 74 -18.00 -18.20 -1.42
CA LEU C 74 -18.99 -17.82 -2.44
C LEU C 74 -18.84 -16.37 -2.92
N ALA C 75 -18.44 -15.46 -2.03
CA ALA C 75 -18.22 -14.06 -2.45
C ALA C 75 -17.08 -13.98 -3.45
N THR C 76 -15.96 -14.65 -3.16
CA THR C 76 -14.82 -14.63 -4.08
C THR C 76 -15.10 -15.39 -5.39
N GLN C 77 -15.77 -16.53 -5.29
CA GLN C 77 -16.20 -17.28 -6.47
C GLN C 77 -17.07 -16.43 -7.39
N GLU C 78 -18.10 -15.79 -6.82
CA GLU C 78 -19.05 -15.04 -7.62
C GLU C 78 -18.45 -13.74 -8.15
N LEU C 79 -17.62 -13.07 -7.35
CA LEU C 79 -16.89 -11.92 -7.88
C LEU C 79 -15.99 -12.37 -9.04
N GLY C 80 -15.31 -13.49 -8.84
CA GLY C 80 -14.42 -14.07 -9.85
C GLY C 80 -15.17 -14.40 -11.14
N ALA C 81 -16.39 -14.91 -11.01
CA ALA C 81 -17.22 -15.20 -12.18
C ALA C 81 -17.64 -13.92 -12.92
N VAL C 82 -18.07 -12.92 -12.18
CA VAL C 82 -18.45 -11.63 -12.76
C VAL C 82 -17.30 -10.98 -13.52
N VAL C 83 -16.15 -10.82 -12.87
CA VAL C 83 -15.02 -10.15 -13.52
C VAL C 83 -14.39 -11.00 -14.63
N GLY C 84 -14.49 -12.32 -14.51
CA GLY C 84 -13.95 -13.24 -15.51
C GLY C 84 -14.54 -13.00 -16.89
N ALA C 85 -15.82 -12.65 -16.93
CA ALA C 85 -16.52 -12.31 -18.18
C ALA C 85 -16.03 -11.01 -18.81
N LEU C 86 -15.31 -10.21 -18.03
CA LEU C 86 -14.79 -8.93 -18.52
C LEU C 86 -13.29 -8.98 -18.82
N ASN C 87 -12.61 -9.94 -18.24
CA ASN C 87 -11.15 -9.97 -18.21
C ASN C 87 -10.47 -10.31 -19.53
N TYR C 88 -9.29 -9.74 -19.76
CA TYR C 88 -8.51 -9.96 -20.97
C TYR C 88 -9.29 -9.72 -22.25
N ARG C 89 -10.01 -8.61 -22.29
CA ARG C 89 -10.84 -8.28 -23.46
C ARG C 89 -10.67 -6.81 -23.81
N ASN C 90 -10.92 -6.49 -25.08
CA ASN C 90 -11.13 -5.12 -25.49
C ASN C 90 -12.63 -4.83 -25.32
N LEU C 91 -12.96 -4.03 -24.32
CA LEU C 91 -14.36 -3.79 -23.99
C LEU C 91 -15.09 -2.99 -25.08
N ASP C 92 -14.33 -2.33 -25.95
CA ASP C 92 -14.92 -1.59 -27.08
C ASP C 92 -15.73 -2.54 -27.95
N ASN C 93 -15.36 -3.81 -27.97
CA ASN C 93 -15.99 -4.77 -28.87
C ASN C 93 -17.30 -5.33 -28.33
N GLU C 94 -17.50 -5.22 -27.01
CA GLU C 94 -18.66 -5.81 -26.34
C GLU C 94 -19.96 -5.09 -26.73
N PRO C 95 -20.92 -5.84 -27.32
CA PRO C 95 -22.23 -5.30 -27.74
C PRO C 95 -22.95 -4.53 -26.63
N ASP C 96 -22.93 -5.08 -25.42
CA ASP C 96 -23.58 -4.49 -24.24
C ASP C 96 -23.06 -3.09 -23.90
N PHE C 97 -21.81 -2.83 -24.25
CA PHE C 97 -21.17 -1.55 -24.00
C PHE C 97 -21.07 -0.67 -25.26
N ALA C 98 -21.71 -1.07 -26.36
CA ALA C 98 -21.70 -0.21 -27.56
C ALA C 98 -22.33 1.15 -27.26
N GLY C 99 -21.63 2.21 -27.65
CA GLY C 99 -22.15 3.57 -27.48
C GLY C 99 -21.89 4.13 -26.10
N VAL C 100 -21.24 3.33 -25.25
CA VAL C 100 -21.05 3.65 -23.84
C VAL C 100 -19.56 3.78 -23.55
N ASN C 101 -19.15 4.88 -22.91
CA ASN C 101 -17.79 4.99 -22.35
C ASN C 101 -17.65 4.10 -21.12
N THR C 102 -16.72 3.14 -21.19
CA THR C 102 -16.51 2.19 -20.12
C THR C 102 -15.54 2.78 -19.09
N SER C 103 -15.94 3.90 -18.51
CA SER C 103 -15.17 4.58 -17.47
C SER C 103 -15.11 3.69 -16.23
N THR C 104 -14.14 3.98 -15.38
CA THR C 104 -13.98 3.26 -14.13
C THR C 104 -15.29 3.25 -13.31
N GLU C 105 -15.91 4.44 -13.19
CA GLU C 105 -17.16 4.55 -12.46
C GLU C 105 -18.33 3.77 -13.10
N PHE C 106 -18.39 3.78 -14.43
CA PHE C 106 -19.42 3.00 -15.13
C PHE C 106 -19.24 1.50 -14.87
N LEU C 107 -18.00 1.03 -14.98
CA LEU C 107 -17.73 -0.38 -14.75
C LEU C 107 -17.99 -0.82 -13.32
N ALA C 108 -17.75 0.08 -12.36
CA ALA C 108 -18.10 -0.23 -10.97
C ALA C 108 -19.57 -0.60 -10.83
N LYS C 109 -20.44 0.15 -11.51
CA LYS C 109 -21.87 -0.16 -11.47
C LYS C 109 -22.20 -1.45 -12.21
N VAL C 110 -21.54 -1.68 -13.34
CA VAL C 110 -21.77 -2.92 -14.09
C VAL C 110 -21.52 -4.11 -13.20
N ILE C 111 -20.37 -4.10 -12.51
CA ILE C 111 -19.96 -5.20 -11.67
C ILE C 111 -20.87 -5.32 -10.45
N ALA C 112 -21.22 -4.19 -9.84
CA ALA C 112 -22.13 -4.18 -8.69
C ALA C 112 -23.49 -4.79 -9.06
N ASP C 113 -24.01 -4.41 -10.23
CA ASP C 113 -25.33 -4.88 -10.66
C ASP C 113 -25.34 -6.37 -10.93
N ARG C 114 -24.26 -6.87 -11.54
CA ARG C 114 -24.11 -8.30 -11.80
C ARG C 114 -23.93 -9.12 -10.53
N LEU C 115 -23.17 -8.60 -9.56
CA LEU C 115 -23.08 -9.22 -8.25
C LEU C 115 -24.44 -9.27 -7.55
N ALA C 116 -25.19 -8.17 -7.63
CA ALA C 116 -26.53 -8.11 -7.03
C ALA C 116 -27.44 -9.20 -7.61
N GLU C 117 -27.40 -9.36 -8.94
CA GLU C 117 -28.18 -10.41 -9.59
C GLU C 117 -27.87 -11.78 -8.98
N ARG C 118 -26.58 -12.04 -8.74
CA ARG C 118 -26.15 -13.31 -8.17
C ARG C 118 -26.56 -13.51 -6.70
N VAL C 119 -26.51 -12.42 -5.93
CA VAL C 119 -27.05 -12.43 -4.56
C VAL C 119 -28.54 -12.79 -4.59
N HIS C 120 -29.28 -12.10 -5.46
CA HIS C 120 -30.73 -12.25 -5.53
C HIS C 120 -31.17 -13.63 -6.02
N LYS C 121 -30.30 -14.31 -6.76
CA LYS C 121 -30.56 -15.69 -7.20
C LYS C 121 -30.16 -16.74 -6.17
N GLY C 122 -29.56 -16.29 -5.06
CA GLY C 122 -29.11 -17.20 -4.00
C GLY C 122 -27.72 -17.75 -4.18
N ALA C 123 -26.96 -17.21 -5.14
CA ALA C 123 -25.63 -17.73 -5.49
C ALA C 123 -24.55 -17.47 -4.43
N LEU C 124 -24.81 -16.55 -3.50
CA LEU C 124 -23.88 -16.29 -2.39
C LEU C 124 -24.40 -16.87 -1.07
N GLY C 125 -25.35 -17.80 -1.19
CA GLY C 125 -25.97 -18.42 -0.02
C GLY C 125 -27.31 -17.79 0.30
N GLU C 126 -28.19 -18.52 0.97
CA GLU C 126 -29.50 -17.97 1.36
C GLU C 126 -29.36 -16.81 2.35
N GLY C 127 -28.34 -16.88 3.20
CA GLY C 127 -28.01 -15.79 4.14
C GLY C 127 -27.78 -14.45 3.45
N ALA C 128 -27.19 -14.48 2.26
CA ALA C 128 -26.85 -13.24 1.54
C ALA C 128 -28.07 -12.42 1.14
N ARG C 129 -29.24 -13.05 1.12
CA ARG C 129 -30.49 -12.34 0.84
C ARG C 129 -30.76 -11.26 1.88
N GLY C 130 -30.18 -11.43 3.07
CA GLY C 130 -30.28 -10.48 4.17
C GLY C 130 -29.32 -9.28 4.10
N LEU C 131 -28.45 -9.26 3.09
CA LEU C 131 -27.52 -8.13 2.94
C LEU C 131 -28.25 -6.82 2.70
N ALA C 132 -27.73 -5.75 3.28
CA ALA C 132 -28.32 -4.43 3.12
C ALA C 132 -27.86 -3.75 1.82
N GLY C 133 -26.63 -4.02 1.40
CA GLY C 133 -26.13 -3.32 0.22
C GLY C 133 -24.78 -3.82 -0.22
N LEU C 134 -24.30 -3.23 -1.30
CA LEU C 134 -22.96 -3.51 -1.76
C LEU C 134 -22.34 -2.27 -2.38
N THR C 135 -21.01 -2.23 -2.32
CA THR C 135 -20.23 -1.22 -3.00
C THR C 135 -19.16 -1.92 -3.81
N VAL C 136 -18.93 -1.42 -5.01
CA VAL C 136 -17.82 -1.91 -5.83
C VAL C 136 -16.92 -0.70 -6.09
N THR C 137 -15.61 -0.92 -5.86
CA THR C 137 -14.59 0.11 -6.05
C THR C 137 -13.57 -0.43 -7.05
N LEU C 138 -13.31 0.32 -8.12
CA LEU C 138 -12.27 -0.02 -9.09
C LEU C 138 -11.12 0.96 -9.00
N HIS C 139 -9.91 0.42 -8.88
CA HIS C 139 -8.69 1.24 -8.80
C HIS C 139 -7.98 1.09 -10.12
N GLU C 140 -7.87 2.20 -10.84
CA GLU C 140 -7.28 2.20 -12.19
C GLU C 140 -5.76 2.49 -12.13
N SER C 141 -5.31 3.08 -11.04
CA SER C 141 -3.89 3.37 -10.86
C SER C 141 -3.65 3.64 -9.38
N HIS C 142 -2.45 4.08 -9.06
CA HIS C 142 -2.14 4.43 -7.70
C HIS C 142 -2.73 5.79 -7.31
N VAL C 143 -3.26 6.53 -8.29
CA VAL C 143 -3.75 7.90 -8.04
C VAL C 143 -5.19 8.16 -8.49
N ALA C 144 -5.92 7.13 -8.93
CA ALA C 144 -7.32 7.30 -9.35
C ALA C 144 -8.11 6.04 -9.07
N TRP C 145 -9.29 6.20 -8.50
CA TRP C 145 -10.19 5.09 -8.25
C TRP C 145 -11.63 5.59 -8.26
N ALA C 146 -12.57 4.68 -8.46
CA ALA C 146 -14.00 5.06 -8.54
C ALA C 146 -14.80 4.03 -7.82
N SER C 147 -16.00 4.42 -7.40
CA SER C 147 -16.88 3.48 -6.72
C SER C 147 -18.33 3.66 -7.13
N TYR C 148 -19.09 2.58 -6.91
CA TYR C 148 -20.55 2.62 -7.02
C TYR C 148 -21.14 1.92 -5.83
N GLU C 149 -22.07 2.59 -5.15
CA GLU C 149 -22.74 2.03 -3.98
C GLU C 149 -24.22 1.87 -4.29
N ARG C 150 -24.78 0.73 -3.92
CA ARG C 150 -26.22 0.46 -4.09
C ARG C 150 -26.77 -0.39 -2.97
N ALA C 151 -28.09 -0.34 -2.84
CA ALA C 151 -28.83 -1.22 -1.95
C ALA C 151 -29.02 -2.59 -2.58
N LEU C 152 -29.29 -3.59 -1.73
CA LEU C 152 -29.73 -4.92 -2.15
C LEU C 152 -31.11 -5.22 -1.56
N SER D 19 -31.20 3.84 -2.32
CA SER D 19 -30.65 4.79 -3.32
C SER D 19 -29.31 4.28 -3.87
N HIS D 20 -28.60 5.10 -4.64
CA HIS D 20 -27.28 4.73 -5.16
C HIS D 20 -26.37 5.95 -5.32
N MSE D 21 -25.07 5.72 -5.48
CA MSE D 21 -24.12 6.83 -5.55
C MSE D 21 -22.85 6.40 -6.30
O MSE D 21 -22.32 5.33 -6.01
CB MSE D 21 -23.74 7.25 -4.13
CG MSE D 21 -22.97 8.54 -4.01
SE MSE D 21 -23.94 10.14 -4.59
CE MSE D 21 -25.19 10.34 -3.08
N PHE D 22 -22.40 7.22 -7.23
CA PHE D 22 -21.10 7.05 -7.88
C PHE D 22 -20.06 7.98 -7.26
N SER D 23 -18.79 7.58 -7.33
CA SER D 23 -17.73 8.50 -6.91
C SER D 23 -16.45 8.26 -7.69
N ILE D 24 -15.62 9.29 -7.78
CA ILE D 24 -14.25 9.13 -8.24
C ILE D 24 -13.38 9.83 -7.22
N THR D 25 -12.16 9.29 -7.05
CA THR D 25 -11.16 9.86 -6.16
C THR D 25 -9.85 10.02 -6.91
N VAL D 26 -9.26 11.20 -6.75
CA VAL D 26 -7.92 11.48 -7.27
C VAL D 26 -6.97 11.86 -6.16
N ARG D 27 -5.71 11.42 -6.28
CA ARG D 27 -4.70 11.64 -5.25
C ARG D 27 -3.60 12.60 -5.69
N ASP D 28 -3.30 13.57 -4.80
CA ASP D 28 -2.16 14.49 -4.96
C ASP D 28 -1.40 14.44 -3.62
N HIS D 29 -0.40 15.30 -3.44
CA HIS D 29 0.29 15.37 -2.14
C HIS D 29 0.95 16.70 -1.96
N ILE D 30 1.15 17.06 -0.69
CA ILE D 30 1.90 18.25 -0.32
C ILE D 30 2.90 17.95 0.80
N MSE D 31 3.87 18.85 0.96
CA MSE D 31 4.91 18.69 1.96
C MSE D 31 5.01 20.03 2.66
O MSE D 31 5.29 21.05 2.03
CB MSE D 31 6.22 18.31 1.26
CG MSE D 31 6.17 16.83 0.81
SE MSE D 31 7.46 16.24 -0.51
CE MSE D 31 8.73 17.19 0.17
N ILE D 32 4.72 20.01 3.96
CA ILE D 32 4.56 21.25 4.72
C ILE D 32 5.25 21.20 6.07
N ALA D 33 5.46 22.37 6.65
CA ALA D 33 5.89 22.45 8.04
C ALA D 33 4.76 23.04 8.88
N HIS D 34 4.70 22.66 10.15
CA HIS D 34 3.81 23.31 11.11
C HIS D 34 4.11 22.88 12.52
N SER D 35 3.54 23.61 13.48
CA SER D 35 3.59 23.25 14.88
C SER D 35 2.20 23.44 15.45
N PHE D 36 1.93 22.81 16.58
CA PHE D 36 0.60 22.96 17.19
C PHE D 36 0.68 23.66 18.55
N ARG D 37 -0.42 24.30 18.93
CA ARG D 37 -0.56 24.97 20.23
C ARG D 37 -1.50 24.14 21.09
N GLY D 38 -1.03 23.75 22.27
CA GLY D 38 -1.82 22.94 23.20
C GLY D 38 -1.12 21.73 23.79
N ASP D 39 -1.33 21.52 25.09
CA ASP D 39 -0.72 20.40 25.83
C ASP D 39 -0.98 19.06 25.22
N VAL D 40 -2.17 18.93 24.65
CA VAL D 40 -2.62 17.67 24.09
C VAL D 40 -1.65 17.15 23.00
N PHE D 41 -0.91 18.06 22.38
CA PHE D 41 -0.09 17.73 21.21
C PHE D 41 1.29 17.18 21.52
N GLY D 42 1.75 17.36 22.75
CA GLY D 42 3.03 16.84 23.19
C GLY D 42 4.17 17.35 22.32
N PRO D 43 4.94 16.42 21.70
CA PRO D 43 6.10 16.88 20.96
C PRO D 43 5.73 17.58 19.65
N ALA D 44 4.48 17.39 19.21
CA ALA D 44 3.98 18.05 18.02
C ALA D 44 3.74 19.56 18.26
N GLN D 45 4.01 20.03 19.47
CA GLN D 45 4.06 21.47 19.73
C GLN D 45 5.31 22.11 19.13
N ARG D 46 6.33 21.29 18.86
CA ARG D 46 7.54 21.74 18.18
C ARG D 46 7.29 21.88 16.69
N LEU D 47 8.01 22.79 16.04
CA LEU D 47 7.92 22.91 14.59
C LEU D 47 8.41 21.60 13.96
N HIS D 48 7.54 21.00 13.16
CA HIS D 48 7.88 19.80 12.45
C HIS D 48 7.25 19.88 11.07
N GLY D 49 7.02 18.75 10.44
CA GLY D 49 6.36 18.76 9.16
C GLY D 49 5.59 17.49 8.86
N ALA D 50 5.11 17.43 7.64
CA ALA D 50 4.32 16.29 7.20
C ALA D 50 4.31 16.25 5.70
N THR D 51 4.26 15.03 5.18
CA THR D 51 3.79 14.83 3.83
C THR D 51 2.35 14.40 3.96
N PHE D 52 1.46 15.11 3.29
CA PHE D 52 0.04 14.71 3.31
C PHE D 52 -0.27 14.19 1.92
N LEU D 53 -0.65 12.92 1.81
CA LEU D 53 -1.35 12.47 0.62
C LEU D 53 -2.76 13.04 0.66
N VAL D 54 -3.20 13.68 -0.42
CA VAL D 54 -4.48 14.37 -0.45
C VAL D 54 -5.39 13.70 -1.48
N ASP D 55 -6.44 13.04 -0.98
CA ASP D 55 -7.36 12.31 -1.83
C ASP D 55 -8.67 13.09 -1.87
N ALA D 56 -9.05 13.51 -3.06
CA ALA D 56 -10.33 14.22 -3.23
C ALA D 56 -11.32 13.30 -3.92
N THR D 57 -12.43 13.05 -3.23
CA THR D 57 -13.52 12.21 -3.70
C THR D 57 -14.70 13.08 -4.12
N PHE D 58 -15.15 12.89 -5.37
CA PHE D 58 -16.32 13.63 -5.89
C PHE D 58 -17.43 12.62 -6.07
N ARG D 59 -18.63 12.94 -5.54
CA ARG D 59 -19.74 11.97 -5.66
C ARG D 59 -20.93 12.54 -6.40
N ARG D 60 -21.62 11.68 -7.15
CA ARG D 60 -22.90 12.09 -7.73
C ARG D 60 -23.83 10.91 -7.91
N GLU D 61 -25.12 11.20 -8.02
CA GLU D 61 -26.13 10.14 -8.12
C GLU D 61 -26.24 9.51 -9.51
N GLN D 62 -26.03 10.30 -10.55
CA GLN D 62 -26.09 9.82 -11.92
C GLN D 62 -24.88 10.28 -12.70
N LEU D 63 -24.31 9.39 -13.51
CA LEU D 63 -23.23 9.77 -14.41
C LEU D 63 -23.65 10.87 -15.38
N ASP D 64 -22.70 11.73 -15.75
CA ASP D 64 -22.96 12.83 -16.69
C ASP D 64 -23.06 12.33 -18.14
N GLU D 65 -23.17 13.26 -19.09
CA GLU D 65 -23.39 12.89 -20.48
C GLU D 65 -22.22 12.14 -21.13
N ASP D 66 -21.02 12.32 -20.57
CA ASP D 66 -19.84 11.59 -21.04
C ASP D 66 -19.64 10.27 -20.29
N ASN D 67 -20.58 9.96 -19.39
CA ASN D 67 -20.57 8.72 -18.59
C ASN D 67 -19.51 8.68 -17.49
N ILE D 68 -19.25 9.85 -16.93
CA ILE D 68 -18.28 10.01 -15.85
C ILE D 68 -18.85 10.84 -14.70
N VAL D 69 -18.19 10.78 -13.54
CA VAL D 69 -18.56 11.59 -12.40
C VAL D 69 -18.11 13.04 -12.62
N VAL D 70 -16.87 13.20 -13.09
CA VAL D 70 -16.33 14.53 -13.34
C VAL D 70 -15.18 14.40 -14.33
N ASP D 71 -14.98 15.45 -15.13
CA ASP D 71 -13.79 15.59 -15.96
C ASP D 71 -12.54 15.44 -15.07
N ILE D 72 -11.85 14.33 -15.22
CA ILE D 72 -10.72 13.96 -14.36
C ILE D 72 -9.50 14.88 -14.60
N GLY D 73 -9.36 15.38 -15.82
CA GLY D 73 -8.34 16.38 -16.10
C GLY D 73 -8.57 17.66 -15.31
N LEU D 74 -9.81 18.14 -15.28
CA LEU D 74 -10.14 19.33 -14.50
C LEU D 74 -10.09 19.05 -13.00
N ALA D 75 -10.54 17.86 -12.59
CA ALA D 75 -10.46 17.45 -11.18
C ALA D 75 -9.01 17.50 -10.68
N THR D 76 -8.08 16.89 -11.40
CA THR D 76 -6.69 16.89 -10.97
C THR D 76 -6.09 18.29 -11.10
N GLN D 77 -6.45 19.03 -12.15
CA GLN D 77 -5.94 20.39 -12.31
C GLN D 77 -6.36 21.26 -11.13
N GLU D 78 -7.64 21.21 -10.77
CA GLU D 78 -8.18 22.04 -9.70
C GLU D 78 -7.70 21.60 -8.31
N LEU D 79 -7.63 20.29 -8.08
CA LEU D 79 -7.00 19.81 -6.85
C LEU D 79 -5.57 20.31 -6.78
N GLY D 80 -4.85 20.20 -7.91
CA GLY D 80 -3.47 20.66 -7.99
C GLY D 80 -3.30 22.12 -7.61
N ALA D 81 -4.24 22.95 -8.07
CA ALA D 81 -4.22 24.38 -7.81
C ALA D 81 -4.49 24.65 -6.34
N VAL D 82 -5.48 23.96 -5.78
CA VAL D 82 -5.82 24.14 -4.38
C VAL D 82 -4.64 23.78 -3.48
N VAL D 83 -4.10 22.58 -3.62
CA VAL D 83 -3.02 22.16 -2.73
C VAL D 83 -1.68 22.84 -3.07
N GLY D 84 -1.53 23.28 -4.32
CA GLY D 84 -0.35 24.02 -4.76
C GLY D 84 -0.14 25.31 -3.97
N ALA D 85 -1.22 25.90 -3.46
CA ALA D 85 -1.11 27.12 -2.67
C ALA D 85 -0.62 26.84 -1.25
N LEU D 86 -0.56 25.54 -0.89
CA LEU D 86 -0.14 25.13 0.44
C LEU D 86 1.24 24.48 0.41
N ASN D 87 1.63 23.96 -0.75
CA ASN D 87 2.81 23.11 -0.85
C ASN D 87 4.10 23.85 -0.54
N TYR D 88 5.04 23.14 0.05
CA TYR D 88 6.39 23.67 0.34
C TYR D 88 6.41 24.92 1.23
N ARG D 89 5.50 24.96 2.18
CA ARG D 89 5.34 26.12 3.06
C ARG D 89 5.27 25.72 4.51
N ASN D 90 5.71 26.61 5.39
CA ASN D 90 5.45 26.50 6.80
C ASN D 90 4.08 27.11 7.07
N LEU D 91 3.10 26.28 7.37
CA LEU D 91 1.75 26.79 7.50
C LEU D 91 1.59 27.72 8.71
N ASP D 92 2.52 27.65 9.67
CA ASP D 92 2.45 28.54 10.83
C ASP D 92 2.55 30.00 10.40
N ASN D 93 3.20 30.23 9.26
CA ASN D 93 3.44 31.59 8.76
C ASN D 93 2.52 32.00 7.63
N GLU D 94 1.54 31.15 7.32
CA GLU D 94 0.55 31.47 6.31
C GLU D 94 -0.58 32.33 6.90
N PRO D 95 -0.79 33.54 6.35
CA PRO D 95 -1.84 34.41 6.91
C PRO D 95 -3.21 33.77 7.03
N ASP D 96 -3.54 32.86 6.10
CA ASP D 96 -4.85 32.21 6.13
C ASP D 96 -5.09 31.41 7.38
N PHE D 97 -4.02 30.95 8.04
CA PHE D 97 -4.11 30.06 9.19
C PHE D 97 -3.54 30.66 10.48
N ALA D 98 -3.35 31.99 10.50
CA ALA D 98 -2.80 32.64 11.67
C ALA D 98 -3.56 32.29 12.95
N GLY D 99 -2.82 31.81 13.95
CA GLY D 99 -3.38 31.47 15.25
C GLY D 99 -4.24 30.21 15.31
N VAL D 100 -4.28 29.45 14.22
CA VAL D 100 -5.11 28.23 14.13
C VAL D 100 -4.23 26.99 14.00
N ASN D 101 -4.60 25.92 14.71
CA ASN D 101 -3.92 24.62 14.59
C ASN D 101 -4.30 23.95 13.28
N THR D 102 -3.29 23.78 12.44
CA THR D 102 -3.49 23.20 11.10
C THR D 102 -3.41 21.67 11.16
N SER D 103 -4.34 21.10 11.93
CA SER D 103 -4.46 19.64 12.04
C SER D 103 -4.84 19.06 10.68
N THR D 104 -4.58 17.76 10.53
CA THR D 104 -4.92 17.01 9.33
C THR D 104 -6.42 17.19 9.00
N GLU D 105 -7.25 17.04 10.02
CA GLU D 105 -8.70 17.16 9.82
C GLU D 105 -9.14 18.58 9.44
N PHE D 106 -8.53 19.59 10.07
CA PHE D 106 -8.85 20.96 9.72
C PHE D 106 -8.47 21.27 8.25
N LEU D 107 -7.26 20.83 7.85
CA LEU D 107 -6.79 21.04 6.48
C LEU D 107 -7.66 20.30 5.46
N ALA D 108 -8.16 19.12 5.84
CA ALA D 108 -9.10 18.40 4.95
C ALA D 108 -10.33 19.26 4.60
N LYS D 109 -10.87 19.94 5.62
CA LYS D 109 -12.00 20.86 5.38
C LYS D 109 -11.58 22.07 4.56
N VAL D 110 -10.41 22.65 4.86
CA VAL D 110 -9.92 23.79 4.09
C VAL D 110 -9.88 23.43 2.61
N ILE D 111 -9.31 22.27 2.30
CA ILE D 111 -9.18 21.81 0.92
C ILE D 111 -10.54 21.47 0.28
N ALA D 112 -11.41 20.79 1.04
CA ALA D 112 -12.77 20.50 0.57
C ALA D 112 -13.56 21.75 0.23
N ASP D 113 -13.48 22.76 1.10
CA ASP D 113 -14.23 23.99 0.88
C ASP D 113 -13.67 24.76 -0.31
N ARG D 114 -12.35 24.74 -0.47
CA ARG D 114 -11.75 25.42 -1.64
C ARG D 114 -12.12 24.71 -2.94
N LEU D 115 -12.15 23.37 -2.95
CA LEU D 115 -12.62 22.64 -4.12
C LEU D 115 -14.09 22.91 -4.43
N ALA D 116 -14.92 22.97 -3.38
CA ALA D 116 -16.34 23.29 -3.52
C ALA D 116 -16.50 24.67 -4.19
N GLU D 117 -15.74 25.66 -3.74
CA GLU D 117 -15.80 26.99 -4.36
C GLU D 117 -15.49 26.93 -5.85
N ARG D 118 -14.50 26.13 -6.21
CA ARG D 118 -14.14 25.97 -7.62
C ARG D 118 -15.22 25.24 -8.44
N VAL D 119 -15.85 24.23 -7.84
CA VAL D 119 -17.01 23.54 -8.43
C VAL D 119 -18.12 24.56 -8.73
N HIS D 120 -18.45 25.39 -7.74
CA HIS D 120 -19.53 26.36 -7.87
C HIS D 120 -19.25 27.49 -8.85
N LYS D 121 -17.98 27.78 -9.12
CA LYS D 121 -17.64 28.75 -10.16
C LYS D 121 -17.50 28.11 -11.57
N GLY D 122 -17.71 26.80 -11.65
CA GLY D 122 -17.72 26.09 -12.93
C GLY D 122 -16.39 25.57 -13.40
N ALA D 123 -15.37 25.61 -12.52
CA ALA D 123 -14.00 25.28 -12.90
C ALA D 123 -13.77 23.78 -13.16
N LEU D 124 -14.68 22.95 -12.67
CA LEU D 124 -14.60 21.50 -12.93
C LEU D 124 -15.60 21.09 -14.03
N GLY D 125 -16.04 22.06 -14.82
CA GLY D 125 -17.04 21.82 -15.86
C GLY D 125 -18.44 22.13 -15.39
N GLU D 126 -19.32 22.46 -16.34
CA GLU D 126 -20.71 22.72 -16.00
C GLU D 126 -21.40 21.49 -15.40
N GLY D 127 -20.98 20.30 -15.84
CA GLY D 127 -21.53 19.04 -15.35
C GLY D 127 -21.27 18.81 -13.88
N ALA D 128 -20.14 19.33 -13.38
CA ALA D 128 -19.79 19.17 -11.97
C ALA D 128 -20.74 19.93 -11.02
N ARG D 129 -21.54 20.87 -11.53
CA ARG D 129 -22.53 21.54 -10.68
C ARG D 129 -23.59 20.54 -10.18
N GLY D 130 -23.68 19.41 -10.87
CA GLY D 130 -24.56 18.31 -10.48
C GLY D 130 -24.02 17.34 -9.42
N LEU D 131 -22.79 17.57 -8.95
CA LEU D 131 -22.25 16.70 -7.89
C LEU D 131 -23.07 16.79 -6.60
N ALA D 132 -23.12 15.69 -5.86
CA ALA D 132 -23.83 15.64 -4.58
C ALA D 132 -22.96 16.07 -3.40
N GLY D 133 -21.66 15.80 -3.51
CA GLY D 133 -20.78 16.10 -2.41
C GLY D 133 -19.34 15.75 -2.69
N LEU D 134 -18.54 15.98 -1.65
CA LEU D 134 -17.08 15.87 -1.69
C LEU D 134 -16.61 15.26 -0.39
N THR D 135 -15.51 14.50 -0.47
CA THR D 135 -14.74 14.09 0.72
C THR D 135 -13.29 14.35 0.40
N VAL D 136 -12.59 14.92 1.37
CA VAL D 136 -11.15 15.07 1.25
C VAL D 136 -10.53 14.32 2.40
N THR D 137 -9.56 13.46 2.05
CA THR D 137 -8.84 12.63 3.01
C THR D 137 -7.36 13.00 2.92
N LEU D 138 -6.76 13.30 4.08
CA LEU D 138 -5.31 13.58 4.15
C LEU D 138 -4.63 12.49 4.94
N HIS D 139 -3.60 11.89 4.35
CA HIS D 139 -2.84 10.85 5.05
C HIS D 139 -1.53 11.46 5.49
N GLU D 140 -1.34 11.54 6.80
N GLU D 140 -1.31 11.56 6.79
CA GLU D 140 -0.13 12.10 7.43
CA GLU D 140 -0.02 12.11 7.28
C GLU D 140 1.03 11.09 7.52
C GLU D 140 1.08 11.06 7.33
N SER D 141 0.69 9.80 7.49
CA SER D 141 1.67 8.72 7.59
C SER D 141 1.00 7.42 7.18
N HIS D 142 1.71 6.31 7.36
CA HIS D 142 1.13 5.01 7.11
C HIS D 142 0.16 4.57 8.20
N VAL D 143 0.11 5.33 9.30
CA VAL D 143 -0.71 4.92 10.47
C VAL D 143 -1.68 6.00 10.98
N ALA D 144 -1.79 7.11 10.28
CA ALA D 144 -2.75 8.18 10.66
C ALA D 144 -3.26 8.92 9.44
N TRP D 145 -4.58 9.10 9.36
CA TRP D 145 -5.17 9.88 8.31
C TRP D 145 -6.45 10.53 8.81
N ALA D 146 -6.95 11.51 8.07
CA ALA D 146 -8.11 12.28 8.52
C ALA D 146 -8.95 12.59 7.33
N SER D 147 -10.24 12.81 7.55
CA SER D 147 -11.11 13.15 6.43
C SER D 147 -12.13 14.19 6.82
N TYR D 148 -12.66 14.84 5.78
CA TYR D 148 -13.82 15.73 5.95
C TYR D 148 -14.76 15.47 4.79
N GLU D 149 -16.04 15.31 5.11
CA GLU D 149 -17.11 15.05 4.13
C GLU D 149 -18.08 16.23 4.15
N ARG D 150 -18.50 16.70 2.98
CA ARG D 150 -19.52 17.74 2.92
C ARG D 150 -20.39 17.55 1.70
N ALA D 151 -21.58 18.15 1.76
CA ALA D 151 -22.43 18.20 0.58
C ALA D 151 -21.96 19.32 -0.34
N LEU D 152 -22.34 19.23 -1.61
CA LEU D 152 -22.20 20.34 -2.53
C LEU D 152 -23.59 20.93 -2.78
N SER E 19 -25.17 17.36 5.10
CA SER E 19 -24.40 17.60 6.36
C SER E 19 -23.01 16.99 6.34
N HIS E 20 -22.14 17.56 7.17
CA HIS E 20 -20.70 17.37 7.11
C HIS E 20 -20.19 16.59 8.30
N MSE E 21 -18.97 16.07 8.17
CA MSE E 21 -18.43 15.19 9.19
C MSE E 21 -16.91 15.14 9.07
O MSE E 21 -16.37 15.02 7.99
CB MSE E 21 -19.00 13.76 9.02
CG MSE E 21 -18.59 12.78 10.09
SE MSE E 21 -19.49 13.16 11.80
CE MSE E 21 -21.34 12.70 11.37
N PHE E 22 -16.24 15.24 10.22
CA PHE E 22 -14.78 15.09 10.29
C PHE E 22 -14.48 13.70 10.82
N SER E 23 -13.32 13.14 10.45
CA SER E 23 -12.85 11.92 11.12
C SER E 23 -11.34 11.88 11.15
N ILE E 24 -10.82 11.05 12.05
CA ILE E 24 -9.41 10.64 12.02
C ILE E 24 -9.36 9.14 12.18
N THR E 25 -8.30 8.52 11.65
CA THR E 25 -8.13 7.08 11.71
C THR E 25 -6.71 6.78 12.11
N VAL E 26 -6.53 5.84 13.03
CA VAL E 26 -5.22 5.39 13.44
C VAL E 26 -5.14 3.88 13.24
N ARG E 27 -3.93 3.39 12.96
CA ARG E 27 -3.71 1.98 12.62
C ARG E 27 -2.79 1.30 13.62
N ASP E 28 -3.17 0.10 14.01
CA ASP E 28 -2.37 -0.82 14.84
C ASP E 28 -2.52 -2.20 14.19
N HIS E 29 -2.04 -3.25 14.87
CA HIS E 29 -2.19 -4.59 14.33
C HIS E 29 -2.08 -5.63 15.43
N ILE E 30 -2.74 -6.76 15.18
CA ILE E 30 -2.62 -7.90 16.06
C ILE E 30 -2.33 -9.17 15.28
N MSE E 31 -1.85 -10.17 16.01
CA MSE E 31 -1.46 -11.44 15.45
C MSE E 31 -2.00 -12.52 16.37
O MSE E 31 -1.62 -12.58 17.54
CB MSE E 31 0.06 -11.50 15.30
CG MSE E 31 0.56 -10.54 14.20
SE MSE E 31 2.47 -10.33 14.07
CE MSE E 31 2.99 -11.92 14.92
N ILE E 32 -2.93 -13.28 15.85
CA ILE E 32 -3.70 -14.23 16.67
C ILE E 32 -3.86 -15.58 16.02
N ALA E 33 -4.21 -16.57 16.85
CA ALA E 33 -4.61 -17.87 16.36
C ALA E 33 -6.12 -18.09 16.61
N HIS E 34 -6.74 -18.83 15.70
CA HIS E 34 -8.15 -19.26 15.91
C HIS E 34 -8.54 -20.31 14.87
N SER E 35 -9.69 -20.95 15.09
CA SER E 35 -10.30 -21.81 14.09
C SER E 35 -11.80 -21.48 14.04
N PHE E 36 -12.45 -21.85 12.94
CA PHE E 36 -13.89 -21.59 12.79
C PHE E 36 -14.74 -22.86 12.82
N ARG E 37 -15.96 -22.71 13.32
N ARG E 37 -15.96 -22.69 13.33
CA ARG E 37 -16.86 -23.85 13.47
CA ARG E 37 -16.95 -23.75 13.45
C ARG E 37 -17.92 -23.79 12.37
C ARG E 37 -17.89 -23.73 12.25
N GLY E 38 -17.98 -24.85 11.56
CA GLY E 38 -18.94 -24.95 10.47
C GLY E 38 -18.31 -25.31 9.14
N ASP E 39 -18.96 -26.24 8.43
CA ASP E 39 -18.54 -26.70 7.09
C ASP E 39 -18.33 -25.56 6.08
N VAL E 40 -19.03 -24.44 6.29
CA VAL E 40 -18.93 -23.28 5.41
C VAL E 40 -17.49 -22.75 5.33
N PHE E 41 -16.74 -22.95 6.42
CA PHE E 41 -15.39 -22.38 6.52
C PHE E 41 -14.31 -23.21 5.85
N GLY E 42 -14.66 -24.42 5.39
CA GLY E 42 -13.71 -25.27 4.67
C GLY E 42 -12.41 -25.49 5.44
N PRO E 43 -11.25 -25.21 4.80
CA PRO E 43 -9.98 -25.42 5.50
C PRO E 43 -9.79 -24.53 6.73
N ALA E 44 -10.54 -23.42 6.81
CA ALA E 44 -10.44 -22.54 7.97
C ALA E 44 -11.06 -23.11 9.25
N GLN E 45 -11.59 -24.32 9.14
CA GLN E 45 -12.02 -25.05 10.32
C GLN E 45 -10.84 -25.57 11.15
N ARG E 46 -9.66 -25.65 10.52
CA ARG E 46 -8.46 -26.06 11.25
C ARG E 46 -7.94 -24.92 12.10
N LEU E 47 -7.27 -25.23 13.20
CA LEU E 47 -6.56 -24.20 13.95
C LEU E 47 -5.49 -23.54 13.06
N HIS E 48 -5.64 -22.24 12.85
CA HIS E 48 -4.68 -21.46 12.11
C HIS E 48 -4.56 -20.08 12.78
N GLY E 49 -4.26 -19.06 11.99
CA GLY E 49 -4.15 -17.73 12.56
C GLY E 49 -4.04 -16.70 11.47
N ALA E 50 -3.88 -15.46 11.90
CA ALA E 50 -3.87 -14.32 10.98
C ALA E 50 -3.22 -13.11 11.62
N THR E 51 -2.79 -12.19 10.74
CA THR E 51 -2.43 -10.84 11.13
C THR E 51 -3.61 -9.99 10.72
N PHE E 52 -4.11 -9.18 11.66
CA PHE E 52 -5.13 -8.19 11.33
C PHE E 52 -4.55 -6.79 11.54
N LEU E 53 -4.53 -6.00 10.46
CA LEU E 53 -4.31 -4.55 10.57
C LEU E 53 -5.61 -4.01 11.13
N VAL E 54 -5.51 -3.17 12.15
CA VAL E 54 -6.70 -2.66 12.84
C VAL E 54 -6.71 -1.17 12.72
N ASP E 55 -7.71 -0.65 11.98
CA ASP E 55 -7.89 0.79 11.77
C ASP E 55 -9.08 1.27 12.58
N ALA E 56 -8.86 2.22 13.46
CA ALA E 56 -9.95 2.78 14.25
C ALA E 56 -10.22 4.18 13.77
N THR E 57 -11.44 4.42 13.29
CA THR E 57 -11.90 5.72 12.82
C THR E 57 -12.82 6.34 13.85
N PHE E 58 -12.54 7.59 14.21
CA PHE E 58 -13.36 8.36 15.15
C PHE E 58 -13.92 9.52 14.37
N ARG E 59 -15.24 9.74 14.44
CA ARG E 59 -15.80 10.85 13.69
C ARG E 59 -16.58 11.80 14.58
N ARG E 60 -16.56 13.08 14.19
CA ARG E 60 -17.32 14.10 14.91
C ARG E 60 -17.76 15.23 13.98
N GLU E 61 -18.85 15.89 14.35
CA GLU E 61 -19.42 16.88 13.45
C GLU E 61 -18.69 18.20 13.51
N GLN E 62 -18.14 18.53 14.67
N GLN E 62 -18.12 18.50 14.68
CA GLN E 62 -17.38 19.78 14.80
CA GLN E 62 -17.43 19.76 14.95
C GLN E 62 -16.11 19.53 15.60
C GLN E 62 -16.08 19.48 15.60
N LEU E 63 -15.03 20.17 15.17
CA LEU E 63 -13.73 20.07 15.82
C LEU E 63 -13.79 20.59 17.24
N ASP E 64 -12.98 20.01 18.12
CA ASP E 64 -12.96 20.43 19.52
C ASP E 64 -12.17 21.73 19.68
N GLU E 65 -11.94 22.14 20.92
CA GLU E 65 -11.30 23.44 21.16
C GLU E 65 -9.82 23.46 20.81
N ASP E 66 -9.21 22.29 20.63
CA ASP E 66 -7.83 22.20 20.14
C ASP E 66 -7.76 22.12 18.60
N ASN E 67 -8.92 22.18 17.96
CA ASN E 67 -9.09 22.11 16.50
C ASN E 67 -8.89 20.70 15.93
N ILE E 68 -9.26 19.69 16.72
CA ILE E 68 -9.08 18.30 16.31
C ILE E 68 -10.31 17.45 16.59
N VAL E 69 -10.29 16.22 16.07
N VAL E 69 -10.36 16.25 16.04
CA VAL E 69 -11.36 15.26 16.27
CA VAL E 69 -11.44 15.34 16.37
C VAL E 69 -11.22 14.59 17.63
C VAL E 69 -11.02 14.75 17.71
N VAL E 70 -9.99 14.20 17.96
N VAL E 70 -9.86 14.11 17.70
CA VAL E 70 -9.69 13.55 19.22
CA VAL E 70 -9.17 13.66 18.89
C VAL E 70 -8.18 13.60 19.51
C VAL E 70 -7.67 13.67 18.56
N ASP E 71 -7.83 13.60 20.79
N ASP E 71 -6.82 13.90 19.55
CA ASP E 71 -6.44 13.48 21.22
CA ASP E 71 -5.39 13.88 19.30
C ASP E 71 -5.84 12.25 20.52
C ASP E 71 -4.96 12.48 18.92
N ILE E 72 -5.07 12.48 19.46
N ILE E 72 -3.93 12.38 18.11
CA ILE E 72 -4.57 11.35 18.64
CA ILE E 72 -3.47 11.05 17.81
C ILE E 72 -3.65 10.39 19.40
C ILE E 72 -3.03 10.28 19.07
N GLY E 73 -2.77 10.98 20.21
CA GLY E 73 -2.04 10.28 21.26
C GLY E 73 -2.86 9.36 22.13
N LEU E 74 -3.96 9.88 22.69
CA LEU E 74 -4.82 9.05 23.51
C LEU E 74 -5.49 8.03 22.62
N ALA E 75 -5.86 8.42 21.40
CA ALA E 75 -6.46 7.52 20.40
C ALA E 75 -5.56 6.32 20.06
N THR E 76 -4.31 6.60 19.70
CA THR E 76 -3.34 5.55 19.40
C THR E 76 -3.06 4.72 20.65
N GLN E 77 -2.88 5.37 21.81
CA GLN E 77 -2.74 4.63 23.08
C GLN E 77 -3.91 3.71 23.41
N GLU E 78 -5.14 4.24 23.29
CA GLU E 78 -6.33 3.48 23.62
C GLU E 78 -6.58 2.33 22.66
N LEU E 79 -6.32 2.57 21.38
CA LEU E 79 -6.39 1.47 20.43
C LEU E 79 -5.39 0.39 20.84
N GLY E 80 -4.17 0.82 21.23
CA GLY E 80 -3.11 -0.09 21.67
C GLY E 80 -3.55 -0.90 22.88
N ALA E 81 -4.19 -0.25 23.84
CA ALA E 81 -4.70 -0.94 25.03
C ALA E 81 -5.73 -2.02 24.67
N VAL E 82 -6.67 -1.63 23.82
CA VAL E 82 -7.75 -2.52 23.47
C VAL E 82 -7.22 -3.75 22.75
N VAL E 83 -6.44 -3.54 21.69
CA VAL E 83 -5.96 -4.67 20.89
C VAL E 83 -4.87 -5.46 21.64
N GLY E 84 -4.19 -4.78 22.57
CA GLY E 84 -3.17 -5.42 23.42
C GLY E 84 -3.70 -6.62 24.20
N ALA E 85 -4.97 -6.54 24.60
CA ALA E 85 -5.64 -7.65 25.28
C ALA E 85 -5.94 -8.84 24.37
N LEU E 86 -5.82 -8.64 23.05
CA LEU E 86 -6.13 -9.69 22.09
C LEU E 86 -4.87 -10.28 21.46
N ASN E 87 -3.82 -9.48 21.41
CA ASN E 87 -2.62 -9.78 20.67
C ASN E 87 -1.87 -11.01 21.18
N TYR E 88 -1.23 -11.73 20.26
CA TYR E 88 -0.39 -12.91 20.60
C TYR E 88 -1.17 -13.94 21.41
N ARG E 89 -2.39 -14.22 20.98
CA ARG E 89 -3.27 -15.16 21.66
C ARG E 89 -3.97 -16.12 20.72
N ASN E 90 -4.27 -17.32 21.22
CA ASN E 90 -5.19 -18.21 20.56
C ASN E 90 -6.58 -17.86 21.07
N LEU E 91 -7.39 -17.28 20.19
CA LEU E 91 -8.69 -16.77 20.61
C LEU E 91 -9.67 -17.90 20.90
N ASP E 92 -9.36 -19.10 20.42
CA ASP E 92 -10.10 -20.32 20.78
C ASP E 92 -10.07 -20.60 22.28
N ASN E 93 -9.06 -20.07 22.97
CA ASN E 93 -8.90 -20.28 24.42
C ASN E 93 -9.37 -19.10 25.28
N GLU E 94 -9.96 -18.09 24.65
CA GLU E 94 -10.44 -16.91 25.34
C GLU E 94 -11.90 -17.09 25.76
N PRO E 95 -12.16 -17.10 27.08
CA PRO E 95 -13.50 -17.31 27.61
C PRO E 95 -14.53 -16.29 27.08
N ASP E 96 -14.08 -15.08 26.78
CA ASP E 96 -14.93 -14.06 26.16
C ASP E 96 -15.57 -14.54 24.85
N PHE E 97 -14.89 -15.43 24.15
CA PHE E 97 -15.34 -15.88 22.83
C PHE E 97 -15.75 -17.35 22.79
N ALA E 98 -15.91 -17.95 23.97
CA ALA E 98 -16.28 -19.36 24.06
C ALA E 98 -17.54 -19.60 23.25
N GLY E 99 -17.44 -20.52 22.28
CA GLY E 99 -18.56 -20.91 21.43
C GLY E 99 -18.87 -20.01 20.25
N VAL E 100 -18.06 -18.98 20.06
CA VAL E 100 -18.31 -17.95 19.04
C VAL E 100 -17.22 -17.91 17.96
N ASN E 101 -17.62 -17.84 16.71
CA ASN E 101 -16.66 -17.69 15.61
C ASN E 101 -16.07 -16.28 15.61
N THR E 102 -14.75 -16.22 15.79
CA THR E 102 -14.04 -14.93 15.83
C THR E 102 -13.64 -14.51 14.40
N SER E 103 -14.65 -14.27 13.57
CA SER E 103 -14.48 -13.81 12.20
C SER E 103 -13.94 -12.38 12.25
N THR E 104 -13.38 -11.95 11.13
CA THR E 104 -12.79 -10.63 11.00
C THR E 104 -13.86 -9.58 11.33
N GLU E 105 -15.07 -9.77 10.80
CA GLU E 105 -16.17 -8.83 11.04
C GLU E 105 -16.61 -8.84 12.50
N PHE E 106 -16.67 -10.01 13.14
CA PHE E 106 -17.00 -10.04 14.56
C PHE E 106 -15.95 -9.31 15.40
N LEU E 107 -14.68 -9.56 15.11
CA LEU E 107 -13.62 -8.93 15.88
C LEU E 107 -13.58 -7.42 15.68
N ALA E 108 -13.97 -6.97 14.49
CA ALA E 108 -14.13 -5.53 14.28
C ALA E 108 -15.14 -4.95 15.29
N LYS E 109 -16.26 -5.66 15.49
N LYS E 109 -16.26 -5.66 15.49
CA LYS E 109 -17.28 -5.22 16.44
CA LYS E 109 -17.28 -5.22 16.45
C LYS E 109 -16.77 -5.26 17.88
C LYS E 109 -16.75 -5.25 17.88
N VAL E 110 -16.04 -6.32 18.23
CA VAL E 110 -15.51 -6.45 19.59
C VAL E 110 -14.63 -5.24 19.90
N ILE E 111 -13.73 -4.92 18.97
CA ILE E 111 -12.80 -3.83 19.19
C ILE E 111 -13.55 -2.48 19.21
N ALA E 112 -14.51 -2.31 18.28
CA ALA E 112 -15.34 -1.10 18.30
C ALA E 112 -16.04 -0.90 19.64
N ASP E 113 -16.64 -1.98 20.15
CA ASP E 113 -17.40 -1.90 21.39
C ASP E 113 -16.50 -1.58 22.58
N ARG E 114 -15.31 -2.19 22.58
CA ARG E 114 -14.37 -1.93 23.67
C ARG E 114 -13.85 -0.50 23.59
N LEU E 115 -13.58 -0.01 22.38
CA LEU E 115 -13.23 1.41 22.20
C LEU E 115 -14.32 2.36 22.69
N ALA E 116 -15.57 2.06 22.32
CA ALA E 116 -16.72 2.85 22.74
C ALA E 116 -16.78 2.98 24.25
N GLU E 117 -16.59 1.87 24.97
CA GLU E 117 -16.62 1.89 26.44
C GLU E 117 -15.50 2.75 27.02
N ARG E 118 -14.32 2.68 26.41
CA ARG E 118 -13.19 3.54 26.79
C ARG E 118 -13.51 5.02 26.56
N VAL E 119 -14.17 5.35 25.46
CA VAL E 119 -14.62 6.72 25.25
C VAL E 119 -15.58 7.15 26.34
N HIS E 120 -16.56 6.30 26.66
CA HIS E 120 -17.56 6.66 27.67
C HIS E 120 -16.93 6.92 29.01
N LYS E 121 -15.88 6.13 29.33
CA LYS E 121 -15.26 6.25 30.65
C LYS E 121 -14.29 7.43 30.74
N GLY E 122 -13.97 8.05 29.61
CA GLY E 122 -13.13 9.25 29.59
C GLY E 122 -11.68 8.98 29.22
N ALA E 123 -11.39 7.76 28.77
CA ALA E 123 -10.02 7.36 28.49
C ALA E 123 -9.39 8.05 27.28
N LEU E 124 -10.22 8.60 26.38
CA LEU E 124 -9.75 9.39 25.24
C LEU E 124 -9.96 10.89 25.49
N GLY E 125 -10.20 11.24 26.76
CA GLY E 125 -10.41 12.62 27.14
C GLY E 125 -11.88 12.96 27.24
N GLU E 126 -12.19 13.99 28.03
CA GLU E 126 -13.57 14.44 28.19
C GLU E 126 -14.18 14.83 26.85
N GLY E 127 -13.38 15.45 25.98
CA GLY E 127 -13.81 15.90 24.66
C GLY E 127 -14.26 14.79 23.71
N ALA E 128 -13.77 13.58 23.95
CA ALA E 128 -14.11 12.44 23.09
C ALA E 128 -15.56 12.01 23.27
N ARG E 129 -16.22 12.46 24.34
CA ARG E 129 -17.64 12.14 24.48
C ARG E 129 -18.47 12.92 23.45
N GLY E 130 -17.87 13.93 22.84
CA GLY E 130 -18.52 14.64 21.73
C GLY E 130 -18.43 13.98 20.35
N LEU E 131 -17.71 12.86 20.28
CA LEU E 131 -17.67 12.06 19.06
C LEU E 131 -19.06 11.56 18.72
N ALA E 132 -19.32 11.45 17.42
CA ALA E 132 -20.59 10.93 16.87
C ALA E 132 -20.55 9.41 16.73
N GLY E 133 -19.41 8.85 16.36
CA GLY E 133 -19.37 7.42 16.15
C GLY E 133 -17.97 6.96 15.86
N LEU E 134 -17.86 5.67 15.57
CA LEU E 134 -16.57 5.08 15.23
C LEU E 134 -16.74 3.93 14.27
N THR E 135 -15.65 3.60 13.58
CA THR E 135 -15.59 2.46 12.70
C THR E 135 -14.29 1.77 12.99
N VAL E 136 -14.34 0.44 13.03
CA VAL E 136 -13.14 -0.37 13.14
C VAL E 136 -13.10 -1.24 11.91
N THR E 137 -11.96 -1.19 11.20
CA THR E 137 -11.73 -2.02 10.03
C THR E 137 -10.55 -2.95 10.27
N LEU E 138 -10.75 -4.25 10.06
CA LEU E 138 -9.66 -5.22 10.18
C LEU E 138 -9.31 -5.75 8.82
N HIS E 139 -8.01 -5.73 8.51
CA HIS E 139 -7.50 -6.25 7.24
C HIS E 139 -6.79 -7.54 7.54
N GLU E 140 -7.34 -8.63 7.02
N GLU E 140 -7.38 -8.63 7.04
CA GLU E 140 -6.78 -9.97 7.30
CA GLU E 140 -6.83 -9.98 7.27
C GLU E 140 -5.76 -10.41 6.25
C GLU E 140 -5.69 -10.30 6.31
N SER E 141 -5.73 -9.71 5.12
CA SER E 141 -4.78 -9.98 4.07
C SER E 141 -4.81 -8.80 3.10
N HIS E 142 -4.08 -8.93 2.00
CA HIS E 142 -4.07 -7.91 0.97
C HIS E 142 -5.34 -7.96 0.13
N VAL E 143 -6.17 -8.99 0.33
CA VAL E 143 -7.35 -9.19 -0.51
C VAL E 143 -8.66 -9.34 0.26
N ALA E 144 -8.61 -9.20 1.58
CA ALA E 144 -9.83 -9.25 2.39
C ALA E 144 -9.76 -8.42 3.64
N TRP E 145 -10.83 -7.66 3.88
CA TRP E 145 -10.93 -6.85 5.07
C TRP E 145 -12.39 -6.72 5.48
N ALA E 146 -12.63 -6.39 6.74
CA ALA E 146 -14.01 -6.28 7.24
C ALA E 146 -14.12 -5.06 8.11
N SER E 147 -15.34 -4.56 8.30
CA SER E 147 -15.51 -3.37 9.12
C SER E 147 -16.78 -3.43 9.94
N TYR E 148 -16.78 -2.67 11.04
CA TYR E 148 -17.99 -2.45 11.82
C TYR E 148 -18.06 -0.98 12.17
N GLU E 149 -19.20 -0.36 11.84
CA GLU E 149 -19.43 1.03 12.14
C GLU E 149 -20.55 1.11 13.18
N ARG E 150 -20.42 2.00 14.15
CA ARG E 150 -21.49 2.24 15.14
C ARG E 150 -21.50 3.68 15.61
N ALA E 151 -22.66 4.18 16.00
CA ALA E 151 -22.77 5.45 16.69
C ALA E 151 -22.25 5.29 18.11
N LEU E 152 -21.90 6.41 18.73
CA LEU E 152 -21.50 6.42 20.13
C LEU E 152 -22.60 6.92 21.06
N GLY F 18 30.06 -3.76 -2.38
CA GLY F 18 31.07 -2.75 -1.97
C GLY F 18 30.85 -2.29 -0.54
N SER F 19 31.27 -1.06 -0.26
CA SER F 19 31.06 -0.52 1.07
C SER F 19 29.63 -0.02 1.23
N HIS F 20 29.13 0.70 0.21
CA HIS F 20 27.80 1.31 0.33
C HIS F 20 27.24 1.75 -1.00
N MSE F 21 25.96 2.14 -1.00
CA MSE F 21 25.29 2.58 -2.22
C MSE F 21 24.10 3.43 -1.81
O MSE F 21 23.32 3.00 -0.95
CB MSE F 21 24.80 1.39 -3.03
CG MSE F 21 24.21 1.76 -4.40
SE MSE F 21 25.59 2.48 -5.64
CE MSE F 21 26.66 0.86 -5.90
N PHE F 22 23.94 4.57 -2.47
CA PHE F 22 22.74 5.41 -2.30
C PHE F 22 21.81 5.17 -3.47
N SER F 23 20.50 5.36 -3.26
CA SER F 23 19.60 5.39 -4.39
CA SER F 23 19.53 5.25 -4.34
C SER F 23 18.41 6.25 -4.12
N ILE F 24 17.80 6.67 -5.22
CA ILE F 24 16.49 7.29 -5.14
C ILE F 24 15.60 6.70 -6.21
N THR F 25 14.30 6.62 -5.90
CA THR F 25 13.29 6.07 -6.80
C THR F 25 12.15 7.06 -6.95
N VAL F 26 11.68 7.19 -8.19
CA VAL F 26 10.52 8.02 -8.50
C VAL F 26 9.51 7.18 -9.27
N ARG F 27 8.23 7.47 -9.03
CA ARG F 27 7.14 6.69 -9.59
C ARG F 27 6.27 7.48 -10.58
N ASP F 28 6.04 6.86 -11.74
CA ASP F 28 5.11 7.38 -12.76
C ASP F 28 4.17 6.23 -13.12
N HIS F 29 3.32 6.40 -14.12
CA HIS F 29 2.50 5.27 -14.56
C HIS F 29 2.04 5.43 -15.98
N ILE F 30 1.73 4.30 -16.62
CA ILE F 30 1.18 4.30 -17.96
C ILE F 30 0.01 3.35 -18.07
N MSE F 31 -0.82 3.58 -19.07
CA MSE F 31 -1.99 2.75 -19.32
C MSE F 31 -1.98 2.42 -20.79
O MSE F 31 -1.99 3.31 -21.64
CB MSE F 31 -3.26 3.50 -18.88
CG MSE F 31 -3.34 3.59 -17.35
SE MSE F 31 -4.57 4.93 -16.69
CE MSE F 31 -5.86 4.78 -18.03
N ILE F 32 -1.89 1.12 -21.08
CA ILE F 32 -1.64 0.63 -22.45
C ILE F 32 -2.48 -0.58 -22.80
N ALA F 33 -2.58 -0.85 -24.10
CA ALA F 33 -3.12 -2.11 -24.57
C ALA F 33 -2.01 -2.93 -25.23
N HIS F 34 -2.14 -4.24 -25.15
CA HIS F 34 -1.29 -5.14 -25.93
C HIS F 34 -1.86 -6.56 -25.92
N SER F 35 -1.25 -7.41 -26.72
CA SER F 35 -1.57 -8.83 -26.68
C SER F 35 -0.27 -9.59 -26.84
N PHE F 36 -0.29 -10.86 -26.44
CA PHE F 36 0.90 -11.69 -26.54
C PHE F 36 0.76 -12.85 -27.53
N ARG F 37 1.89 -13.27 -28.06
CA ARG F 37 2.01 -14.40 -28.97
C ARG F 37 2.62 -15.58 -28.21
N GLY F 38 1.91 -16.70 -28.22
CA GLY F 38 2.37 -17.93 -27.59
C GLY F 38 1.28 -18.50 -26.71
N ASP F 39 1.06 -19.81 -26.76
CA ASP F 39 0.02 -20.46 -25.98
C ASP F 39 0.26 -20.39 -24.47
N VAL F 40 1.52 -20.14 -24.10
CA VAL F 40 1.91 -20.01 -22.69
C VAL F 40 1.11 -18.88 -22.03
N PHE F 41 0.70 -17.90 -22.83
CA PHE F 41 0.02 -16.71 -22.32
C PHE F 41 -1.48 -16.87 -22.07
N GLY F 42 -2.06 -17.97 -22.57
CA GLY F 42 -3.49 -18.24 -22.40
C GLY F 42 -4.38 -17.08 -22.84
N PRO F 43 -5.21 -16.55 -21.91
CA PRO F 43 -6.13 -15.46 -22.29
C PRO F 43 -5.43 -14.16 -22.65
N ALA F 44 -4.18 -13.98 -22.22
CA ALA F 44 -3.41 -12.78 -22.56
C ALA F 44 -2.96 -12.74 -24.03
N GLN F 45 -3.27 -13.80 -24.78
CA GLN F 45 -3.15 -13.76 -26.23
C GLN F 45 -4.18 -12.83 -26.91
N ARG F 46 -5.28 -12.56 -26.20
CA ARG F 46 -6.29 -11.61 -26.66
C ARG F 46 -5.79 -10.20 -26.41
N LEU F 47 -6.28 -9.25 -27.18
CA LEU F 47 -5.96 -7.87 -26.92
C LEU F 47 -6.59 -7.45 -25.59
N HIS F 48 -5.75 -7.00 -24.67
CA HIS F 48 -6.18 -6.57 -23.35
C HIS F 48 -5.31 -5.36 -23.02
N GLY F 49 -5.21 -5.03 -21.75
CA GLY F 49 -4.40 -3.88 -21.40
C GLY F 49 -3.91 -3.97 -19.98
N ALA F 50 -3.22 -2.93 -19.56
CA ALA F 50 -2.60 -2.92 -18.23
C ALA F 50 -2.37 -1.48 -17.81
N THR F 51 -2.41 -1.26 -16.49
CA THR F 51 -1.83 -0.08 -15.91
C THR F 51 -0.51 -0.55 -15.35
N PHE F 52 0.57 0.09 -15.79
CA PHE F 52 1.88 -0.21 -15.22
C PHE F 52 2.29 0.99 -14.37
N LEU F 53 2.51 0.74 -13.08
CA LEU F 53 3.25 1.70 -12.25
C LEU F 53 4.70 1.55 -12.62
N VAL F 54 5.36 2.66 -12.90
CA VAL F 54 6.75 2.64 -13.37
C VAL F 54 7.63 3.32 -12.32
N ASP F 55 8.51 2.54 -11.70
CA ASP F 55 9.42 3.05 -10.67
C ASP F 55 10.82 3.06 -11.25
N ALA F 56 11.43 4.23 -11.32
CA ALA F 56 12.82 4.32 -11.78
C ALA F 56 13.73 4.63 -10.61
N THR F 57 14.70 3.74 -10.37
CA THR F 57 15.66 3.84 -9.29
C THR F 57 17.04 4.20 -9.87
N PHE F 58 17.65 5.25 -9.33
CA PHE F 58 18.97 5.71 -9.76
C PHE F 58 19.88 5.48 -8.58
N ARG F 59 21.02 4.84 -8.81
N ARG F 59 21.02 4.85 -8.84
CA ARG F 59 21.92 4.56 -7.69
CA ARG F 59 21.99 4.49 -7.80
C ARG F 59 23.34 5.05 -7.94
C ARG F 59 23.32 5.22 -7.98
N ARG F 60 23.95 5.58 -6.87
CA ARG F 60 25.34 6.03 -6.93
C ARG F 60 26.06 5.84 -5.60
N GLU F 61 27.39 5.78 -5.67
CA GLU F 61 28.19 5.52 -4.47
C GLU F 61 28.38 6.73 -3.56
N GLN F 62 28.44 7.92 -4.14
CA GLN F 62 28.67 9.13 -3.36
C GLN F 62 27.64 10.18 -3.73
N LEU F 63 27.19 10.96 -2.76
CA LEU F 63 26.25 12.05 -3.04
C LEU F 63 26.95 13.14 -3.85
N ASP F 64 26.18 13.83 -4.69
CA ASP F 64 26.73 14.90 -5.53
C ASP F 64 26.94 16.19 -4.71
N GLU F 65 27.36 17.26 -5.37
CA GLU F 65 27.74 18.48 -4.66
C GLU F 65 26.55 19.21 -3.99
N ASP F 66 25.33 18.84 -4.39
CA ASP F 66 24.12 19.33 -3.73
C ASP F 66 23.61 18.40 -2.63
N ASN F 67 24.33 17.30 -2.43
CA ASN F 67 24.01 16.30 -1.40
C ASN F 67 22.85 15.38 -1.80
N ILE F 68 22.71 15.16 -3.10
CA ILE F 68 21.65 14.30 -3.63
C ILE F 68 22.21 13.26 -4.61
N VAL F 69 21.38 12.27 -4.92
CA VAL F 69 21.72 11.25 -5.92
C VAL F 69 21.56 11.79 -7.34
N VAL F 70 20.47 12.51 -7.56
CA VAL F 70 20.18 13.09 -8.87
C VAL F 70 19.13 14.16 -8.64
N ASP F 71 19.16 15.18 -9.49
CA ASP F 71 18.14 16.24 -9.51
C ASP F 71 16.79 15.56 -9.74
N ILE F 72 15.93 15.58 -8.72
CA ILE F 72 14.62 14.89 -8.81
C ILE F 72 13.71 15.50 -9.87
N GLY F 73 13.82 16.82 -10.04
CA GLY F 73 13.07 17.53 -11.07
C GLY F 73 13.38 17.00 -12.46
N LEU F 74 14.67 16.85 -12.76
CA LEU F 74 15.09 16.27 -14.03
C LEU F 74 14.77 14.77 -14.12
N ALA F 75 14.89 14.03 -13.01
CA ALA F 75 14.58 12.61 -13.03
C ALA F 75 13.11 12.36 -13.38
N THR F 76 12.21 13.10 -12.74
CA THR F 76 10.78 12.92 -13.02
C THR F 76 10.43 13.46 -14.42
N GLN F 77 11.03 14.56 -14.82
CA GLN F 77 10.82 15.08 -16.17
C GLN F 77 11.25 14.07 -17.23
N GLU F 78 12.45 13.52 -17.08
CA GLU F 78 12.98 12.59 -18.08
C GLU F 78 12.25 11.24 -18.06
N LEU F 79 11.87 10.78 -16.87
CA LEU F 79 11.03 9.58 -16.80
C LEU F 79 9.68 9.84 -17.45
N GLY F 80 9.09 11.00 -17.17
CA GLY F 80 7.82 11.40 -17.79
C GLY F 80 7.89 11.41 -19.31
N ALA F 81 9.00 11.91 -19.86
CA ALA F 81 9.18 11.97 -21.31
C ALA F 81 9.34 10.58 -21.91
N VAL F 82 10.04 9.69 -21.22
CA VAL F 82 10.24 8.32 -21.70
C VAL F 82 8.90 7.58 -21.75
N VAL F 83 8.21 7.53 -20.63
CA VAL F 83 6.94 6.79 -20.59
C VAL F 83 5.80 7.50 -21.35
N GLY F 84 5.89 8.82 -21.51
CA GLY F 84 4.88 9.57 -22.29
C GLY F 84 4.77 9.10 -23.74
N ALA F 85 5.88 8.59 -24.29
CA ALA F 85 5.91 8.02 -25.62
C ALA F 85 5.16 6.69 -25.72
N LEU F 86 4.88 6.07 -24.58
CA LEU F 86 4.22 4.76 -24.53
C LEU F 86 2.76 4.86 -24.07
N ASN F 87 2.46 5.96 -23.39
CA ASN F 87 1.20 6.09 -22.67
C ASN F 87 -0.01 6.20 -23.59
N TYR F 88 -1.13 5.59 -23.18
CA TYR F 88 -2.38 5.66 -23.95
C TYR F 88 -2.22 5.12 -25.36
N ARG F 89 -1.50 4.02 -25.49
CA ARG F 89 -1.25 3.42 -26.80
C ARG F 89 -1.48 1.93 -26.78
N ASN F 90 -1.88 1.39 -27.92
CA ASN F 90 -1.85 -0.03 -28.16
C ASN F 90 -0.46 -0.37 -28.65
N LEU F 91 0.31 -1.05 -27.82
CA LEU F 91 1.70 -1.35 -28.15
C LEU F 91 1.82 -2.33 -29.32
N ASP F 92 0.74 -3.07 -29.58
CA ASP F 92 0.72 -3.99 -30.73
C ASP F 92 0.87 -3.26 -32.07
N ASN F 93 0.61 -1.94 -32.08
CA ASN F 93 0.70 -1.14 -33.29
C ASN F 93 1.85 -0.16 -33.25
N GLU F 94 2.77 -0.37 -32.32
CA GLU F 94 3.95 0.47 -32.21
C GLU F 94 5.11 -0.17 -32.96
N PRO F 95 5.67 0.55 -33.95
CA PRO F 95 6.78 0.06 -34.78
C PRO F 95 8.00 -0.36 -33.98
N ASP F 96 8.27 0.35 -32.88
CA ASP F 96 9.43 0.05 -32.03
C ASP F 96 9.40 -1.37 -31.48
N PHE F 97 8.20 -1.94 -31.35
CA PHE F 97 8.01 -3.25 -30.73
C PHE F 97 7.46 -4.30 -31.68
N ALA F 98 7.63 -4.05 -32.98
CA ALA F 98 7.15 -4.96 -34.01
C ALA F 98 7.71 -6.37 -33.84
N GLY F 99 6.81 -7.34 -33.81
CA GLY F 99 7.17 -8.75 -33.73
C GLY F 99 7.59 -9.28 -32.37
N VAL F 100 7.50 -8.44 -31.34
CA VAL F 100 8.02 -8.73 -30.01
C VAL F 100 6.91 -8.72 -28.96
N ASN F 101 6.95 -9.67 -28.03
CA ASN F 101 6.05 -9.67 -26.86
C ASN F 101 6.42 -8.55 -25.88
N THR F 102 5.52 -7.59 -25.70
CA THR F 102 5.75 -6.48 -24.79
C THR F 102 5.39 -6.88 -23.35
N SER F 103 6.07 -7.90 -22.85
CA SER F 103 5.94 -8.30 -21.46
C SER F 103 6.41 -7.18 -20.55
N THR F 104 5.94 -7.25 -19.30
CA THR F 104 6.30 -6.29 -18.27
C THR F 104 7.83 -6.21 -18.13
N GLU F 105 8.49 -7.36 -18.10
CA GLU F 105 9.95 -7.40 -17.96
C GLU F 105 10.66 -6.83 -19.19
N PHE F 106 10.12 -7.10 -20.37
CA PHE F 106 10.68 -6.51 -21.59
C PHE F 106 10.59 -4.98 -21.55
N LEU F 107 9.41 -4.49 -21.17
CA LEU F 107 9.19 -3.05 -21.10
C LEU F 107 10.06 -2.36 -20.04
N ALA F 108 10.30 -3.05 -18.93
CA ALA F 108 11.23 -2.50 -17.93
C ALA F 108 12.60 -2.16 -18.54
N LYS F 109 13.15 -3.06 -19.36
CA LYS F 109 14.42 -2.80 -20.03
C LYS F 109 14.32 -1.67 -21.06
N VAL F 110 13.21 -1.65 -21.81
CA VAL F 110 13.02 -0.58 -22.79
C VAL F 110 13.11 0.78 -22.09
N ILE F 111 12.37 0.93 -20.99
CA ILE F 111 12.35 2.18 -20.25
C ILE F 111 13.69 2.48 -19.59
N ALA F 112 14.32 1.47 -19.00
CA ALA F 112 15.67 1.60 -18.41
C ALA F 112 16.70 2.10 -19.44
N ASP F 113 16.69 1.47 -20.61
CA ASP F 113 17.66 1.81 -21.66
C ASP F 113 17.48 3.22 -22.20
N ARG F 114 16.21 3.64 -22.33
CA ARG F 114 15.90 4.99 -22.78
C ARG F 114 16.27 6.04 -21.73
N LEU F 115 16.07 5.71 -20.45
CA LEU F 115 16.51 6.60 -19.40
C LEU F 115 18.04 6.74 -19.39
N ALA F 116 18.72 5.62 -19.59
CA ALA F 116 20.19 5.59 -19.65
C ALA F 116 20.72 6.49 -20.77
N GLU F 117 20.10 6.41 -21.94
CA GLU F 117 20.45 7.24 -23.08
C GLU F 117 20.32 8.72 -22.71
N ARG F 118 19.27 9.07 -21.98
CA ARG F 118 19.10 10.43 -21.53
C ARG F 118 20.15 10.86 -20.50
N VAL F 119 20.52 9.94 -19.60
CA VAL F 119 21.60 10.22 -18.64
C VAL F 119 22.89 10.52 -19.39
N HIS F 120 23.19 9.68 -20.38
CA HIS F 120 24.42 9.80 -21.16
C HIS F 120 24.46 11.02 -22.08
N LYS F 121 23.32 11.65 -22.33
CA LYS F 121 23.32 12.89 -23.10
C LYS F 121 23.26 14.12 -22.20
N GLY F 122 23.31 13.90 -20.88
CA GLY F 122 23.37 14.99 -19.91
C GLY F 122 22.03 15.55 -19.47
N ALA F 123 20.94 14.88 -19.86
CA ALA F 123 19.59 15.38 -19.63
C ALA F 123 19.15 15.32 -18.16
N LEU F 124 19.85 14.55 -17.34
CA LEU F 124 19.54 14.50 -15.91
C LEU F 124 20.56 15.27 -15.09
N GLY F 125 21.33 16.11 -15.78
CA GLY F 125 22.36 16.93 -15.16
C GLY F 125 23.73 16.32 -15.35
N GLU F 126 24.76 17.16 -15.36
CA GLU F 126 26.12 16.66 -15.51
C GLU F 126 26.49 15.68 -14.40
N GLY F 127 25.99 15.93 -13.18
CA GLY F 127 26.21 15.04 -12.03
C GLY F 127 25.72 13.62 -12.24
N ALA F 128 24.66 13.48 -13.04
CA ALA F 128 24.06 12.17 -13.28
C ALA F 128 25.01 11.23 -14.05
N ARG F 129 26.02 11.80 -14.70
CA ARG F 129 27.02 10.96 -15.38
C ARG F 129 27.82 10.12 -14.37
N GLY F 130 27.77 10.50 -13.09
CA GLY F 130 28.43 9.75 -12.04
C GLY F 130 27.58 8.65 -11.42
N LEU F 131 26.33 8.50 -11.89
CA LEU F 131 25.48 7.39 -11.40
C LEU F 131 26.13 6.03 -11.68
N ALA F 132 25.92 5.06 -10.78
CA ALA F 132 26.42 3.71 -10.95
C ALA F 132 25.49 2.84 -11.78
N GLY F 133 24.19 3.10 -11.69
CA GLY F 133 23.23 2.24 -12.36
C GLY F 133 21.81 2.68 -12.19
N LEU F 134 20.93 1.89 -12.82
CA LEU F 134 19.48 2.16 -12.89
C LEU F 134 18.74 0.85 -12.70
N THR F 135 17.57 0.92 -12.09
CA THR F 135 16.64 -0.18 -12.07
C THR F 135 15.28 0.40 -12.42
N VAL F 136 14.57 -0.29 -13.30
CA VAL F 136 13.18 0.06 -13.57
C VAL F 136 12.30 -1.13 -13.17
N THR F 137 11.24 -0.83 -12.41
CA THR F 137 10.28 -1.81 -11.96
C THR F 137 8.91 -1.40 -12.46
N LEU F 138 8.22 -2.33 -13.11
CA LEU F 138 6.83 -2.12 -13.57
C LEU F 138 5.92 -3.01 -12.81
N HIS F 139 4.86 -2.40 -12.26
CA HIS F 139 3.85 -3.15 -11.50
C HIS F 139 2.62 -3.23 -12.35
N GLU F 140 2.26 -4.44 -12.74
CA GLU F 140 1.08 -4.64 -13.59
C GLU F 140 -0.22 -4.81 -12.82
N SER F 141 -0.10 -5.19 -11.55
CA SER F 141 -1.26 -5.40 -10.68
C SER F 141 -0.80 -5.39 -9.24
N HIS F 142 -1.70 -5.72 -8.33
CA HIS F 142 -1.33 -5.83 -6.93
C HIS F 142 -0.55 -7.12 -6.65
N VAL F 143 -0.49 -8.02 -7.64
CA VAL F 143 0.10 -9.32 -7.38
C VAL F 143 1.18 -9.72 -8.41
N ALA F 144 1.56 -8.83 -9.31
CA ALA F 144 2.65 -9.11 -10.26
C ALA F 144 3.39 -7.86 -10.63
N TRP F 145 4.73 -7.94 -10.55
CA TRP F 145 5.56 -6.86 -10.99
C TRP F 145 6.84 -7.43 -11.59
N ALA F 146 7.60 -6.60 -12.32
CA ALA F 146 8.82 -7.06 -13.00
C ALA F 146 9.83 -5.95 -12.93
N SER F 147 11.10 -6.31 -13.08
CA SER F 147 12.15 -5.32 -13.03
C SER F 147 13.29 -5.64 -13.98
N TYR F 148 14.02 -4.59 -14.31
CA TYR F 148 15.30 -4.71 -15.01
C TYR F 148 16.33 -3.81 -14.36
N GLU F 149 17.50 -4.38 -14.07
CA GLU F 149 18.59 -3.63 -13.44
C GLU F 149 19.75 -3.60 -14.42
N ARG F 150 20.37 -2.45 -14.58
CA ARG F 150 21.58 -2.30 -15.39
C ARG F 150 22.56 -1.29 -14.82
N ALA F 151 23.81 -1.39 -15.27
CA ALA F 151 24.80 -0.36 -15.00
C ALA F 151 24.64 0.83 -15.93
N LEU F 152 25.16 1.97 -15.49
CA LEU F 152 25.33 3.17 -16.31
C LEU F 152 26.82 3.46 -16.50
NA NA G . 30.35 -8.78 11.95
NA NA H . 15.67 29.24 1.75
CL CL I . 25.15 19.85 1.49
CL CL J . 15.06 -23.09 16.16
CL CL K . -7.01 26.35 16.82
#